data_3HW4
#
_entry.id   3HW4
#
_cell.length_a   51.323
_cell.length_b   60.033
_cell.length_c   67.114
_cell.angle_alpha   96.12
_cell.angle_beta   96.36
_cell.angle_gamma   109.51
#
_symmetry.space_group_name_H-M   'P 1'
#
loop_
_entity.id
_entity.type
_entity.pdbx_description
1 polymer 'Polymerase acidic protein'
2 non-polymer 'MAGNESIUM ION'
3 non-polymer "THYMIDINE-5'-PHOSPHATE"
4 water water
#
_entity_poly.entity_id   1
_entity_poly.type   'polypeptide(L)'
_entity_poly.pdbx_seq_one_letter_code
;GPLGSMEDFVRQCFNPMIVELAEKAMKEYGEDPKIETNKFAAICTHLEVCFMYSDFHFIDERGESTIIESGDPNALLKHR
FEIIEGRDRTMAWTVVNSICNTTGVEKPKFLPDLYDYKENRFIEIGVTRREVHTYYLEKANKIKSEKTHIHIFSFTGEEM
ATKADYTLDEESRARIKTRLFTIRQEMASRGLWDSFRQSERGEETIEERFEITGTMCRLADQSLPPNFSSLEKFRAYVDG
FEPNGCIEGKLSQMSKEVNAR
;
_entity_poly.pdbx_strand_id   A,B,C,D
#
loop_
_chem_comp.id
_chem_comp.type
_chem_comp.name
_chem_comp.formula
MG non-polymer 'MAGNESIUM ION' 'Mg 2'
TMP non-polymer THYMIDINE-5'-PHOSPHATE 'C10 H15 N2 O8 P'
#
# COMPACT_ATOMS: atom_id res chain seq x y z
N PRO A 2 8.57 -31.56 22.03
CA PRO A 2 9.78 -30.87 21.75
C PRO A 2 10.22 -30.88 20.25
N LEU A 3 9.36 -31.29 19.31
CA LEU A 3 9.41 -30.66 17.97
C LEU A 3 8.40 -29.52 17.87
N GLY A 4 8.96 -28.32 17.73
CA GLY A 4 8.22 -27.09 17.77
C GLY A 4 7.69 -26.77 16.39
N SER A 5 7.09 -25.61 16.27
CA SER A 5 6.53 -25.12 14.96
C SER A 5 7.48 -24.05 14.45
N MET A 6 7.92 -24.27 13.21
CA MET A 6 8.90 -23.32 12.60
C MET A 6 8.22 -21.97 12.39
N GLU A 7 6.93 -22.02 12.10
CA GLU A 7 6.20 -20.78 11.92
C GLU A 7 6.21 -19.95 13.17
N ASP A 8 5.86 -20.56 14.32
CA ASP A 8 5.96 -19.81 15.56
C ASP A 8 7.38 -19.30 15.89
N PHE A 9 8.41 -20.10 15.60
CA PHE A 9 9.78 -19.67 15.77
C PHE A 9 10.16 -18.41 14.97
N VAL A 10 9.79 -18.41 13.68
CA VAL A 10 10.02 -17.28 12.79
C VAL A 10 9.45 -15.95 13.40
N ARG A 11 8.18 -15.96 13.77
CA ARG A 11 7.49 -14.75 14.22
C ARG A 11 8.01 -14.31 15.57
N GLN A 12 8.54 -15.25 16.35
CA GLN A 12 9.09 -14.97 17.67
C GLN A 12 10.56 -14.56 17.65
N CYS A 13 11.36 -15.02 16.66
CA CYS A 13 12.82 -14.74 16.74
C CYS A 13 13.44 -13.82 15.68
N PHE A 14 12.61 -13.49 14.70
CA PHE A 14 12.99 -12.47 13.73
C PHE A 14 12.15 -11.19 13.97
N ASN A 15 12.77 -10.04 13.71
CA ASN A 15 12.12 -8.69 13.66
C ASN A 15 10.85 -8.75 12.83
N PRO A 16 9.77 -8.07 13.28
CA PRO A 16 8.54 -8.14 12.48
C PRO A 16 8.65 -7.60 11.06
N MET A 17 9.49 -6.59 10.84
CA MET A 17 9.68 -5.98 9.52
C MET A 17 10.31 -7.03 8.64
N ILE A 18 11.31 -7.75 9.19
CA ILE A 18 11.87 -8.90 8.45
C ILE A 18 10.80 -9.96 8.10
N VAL A 19 10.04 -10.43 9.08
CA VAL A 19 8.97 -11.45 8.83
C VAL A 19 7.98 -10.98 7.73
N GLU A 20 7.52 -9.74 7.81
CA GLU A 20 6.56 -9.20 6.83
C GLU A 20 7.13 -9.14 5.42
N LEU A 21 8.39 -8.70 5.31
CA LEU A 21 9.03 -8.67 4.01
C LEU A 21 9.18 -10.06 3.48
N ALA A 22 9.48 -11.00 4.36
CA ALA A 22 9.61 -12.36 3.95
C ALA A 22 8.24 -12.96 3.55
N GLU A 23 7.18 -12.61 4.30
CA GLU A 23 5.82 -13.08 3.92
C GLU A 23 5.43 -12.55 2.56
N LYS A 24 5.72 -11.29 2.34
CA LYS A 24 5.46 -10.66 1.04
C LYS A 24 6.19 -11.33 -0.09
N ALA A 25 7.50 -11.54 0.06
CA ALA A 25 8.26 -12.30 -0.96
C ALA A 25 7.66 -13.71 -1.27
N MET A 26 7.09 -14.37 -0.25
CA MET A 26 6.49 -15.71 -0.48
C MET A 26 5.13 -15.69 -1.19
N LYS A 27 4.27 -14.80 -0.71
CA LYS A 27 2.93 -14.64 -1.26
C LYS A 27 3.02 -14.16 -2.69
N GLU A 28 4.04 -13.33 -2.97
CA GLU A 28 4.36 -12.92 -4.37
C GLU A 28 4.50 -14.12 -5.32
N TYR A 29 5.03 -15.25 -4.84
CA TYR A 29 5.24 -16.44 -5.71
C TYR A 29 4.39 -17.64 -5.36
N GLY A 30 3.21 -17.39 -4.80
CA GLY A 30 2.26 -18.44 -4.42
C GLY A 30 2.82 -19.47 -3.45
N GLU A 31 3.68 -19.02 -2.54
CA GLU A 31 4.14 -19.94 -1.47
C GLU A 31 3.55 -19.45 -0.18
N ASP A 32 3.10 -20.40 0.62
CA ASP A 32 2.47 -20.07 1.86
C ASP A 32 3.49 -20.16 3.02
N PRO A 33 3.70 -19.03 3.76
CA PRO A 33 4.63 -19.04 4.91
C PRO A 33 4.21 -20.06 5.98
N LYS A 34 2.90 -20.37 6.03
CA LYS A 34 2.35 -21.37 6.97
C LYS A 34 2.68 -22.81 6.61
N ILE A 35 2.90 -23.03 5.32
CA ILE A 35 3.19 -24.35 4.77
C ILE A 35 4.68 -24.58 4.57
N GLU A 36 5.29 -23.79 3.67
CA GLU A 36 6.71 -23.86 3.42
C GLU A 36 7.47 -23.07 4.47
N THR A 37 7.43 -23.62 5.67
CA THR A 37 8.03 -22.94 6.84
C THR A 37 9.56 -22.91 6.85
N ASN A 38 10.22 -24.02 6.43
CA ASN A 38 11.72 -24.04 6.34
C ASN A 38 12.21 -22.96 5.31
N LYS A 39 11.49 -22.85 4.21
CA LYS A 39 11.76 -21.79 3.24
C LYS A 39 11.54 -20.37 3.85
N PHE A 40 10.48 -20.21 4.65
CA PHE A 40 10.10 -18.96 5.27
C PHE A 40 11.18 -18.52 6.23
N ALA A 41 11.75 -19.44 7.02
CA ALA A 41 12.93 -19.12 7.85
C ALA A 41 14.19 -18.77 7.05
N ALA A 42 14.48 -19.53 5.98
CA ALA A 42 15.63 -19.26 5.08
C ALA A 42 15.51 -17.85 4.48
N ILE A 43 14.31 -17.51 4.04
CA ILE A 43 14.08 -16.14 3.47
C ILE A 43 14.25 -15.03 4.51
N CYS A 44 13.70 -15.23 5.71
CA CYS A 44 13.96 -14.24 6.83
C CYS A 44 15.45 -14.08 7.14
N THR A 45 16.15 -15.20 7.21
CA THR A 45 17.57 -15.18 7.51
C THR A 45 18.33 -14.41 6.42
N HIS A 46 18.04 -14.71 5.16
CA HIS A 46 18.76 -14.00 4.09
C HIS A 46 18.43 -12.51 4.18
N LEU A 47 17.18 -12.17 4.43
CA LEU A 47 16.82 -10.75 4.57
C LEU A 47 17.62 -10.10 5.69
N GLU A 48 17.64 -10.75 6.87
CA GLU A 48 18.36 -10.21 7.98
C GLU A 48 19.83 -10.05 7.60
N VAL A 49 20.44 -11.06 6.95
CA VAL A 49 21.84 -10.86 6.57
C VAL A 49 22.02 -9.67 5.64
N CYS A 50 21.13 -9.52 4.68
CA CYS A 50 21.17 -8.31 3.80
C CYS A 50 21.20 -7.01 4.59
N PHE A 51 20.34 -6.89 5.60
CA PHE A 51 20.28 -5.67 6.43
C PHE A 51 21.48 -5.47 7.29
N MET A 52 22.07 -6.57 7.78
CA MET A 52 23.26 -6.50 8.63
C MET A 52 24.47 -6.03 7.76
N TYR A 53 24.58 -6.56 6.56
CA TYR A 53 25.68 -6.30 5.66
C TYR A 53 25.70 -4.81 5.34
N SER A 54 24.50 -4.26 5.21
CA SER A 54 24.35 -2.85 4.89
C SER A 54 24.31 -1.88 6.09
N ASP A 55 24.37 -2.39 7.31
CA ASP A 55 24.30 -1.55 8.54
C ASP A 55 22.90 -0.97 8.79
N ARG A 80 26.87 3.63 2.41
CA ARG A 80 27.71 2.94 1.47
C ARG A 80 26.89 1.99 0.59
N PHE A 81 25.82 1.43 1.15
CA PHE A 81 25.02 0.38 0.47
C PHE A 81 23.57 0.73 0.29
N GLU A 82 23.04 0.35 -0.88
CA GLU A 82 21.66 0.59 -1.25
C GLU A 82 21.03 -0.77 -1.12
N ILE A 83 19.95 -0.86 -0.36
CA ILE A 83 19.27 -2.17 -0.23
C ILE A 83 18.36 -2.44 -1.44
N ILE A 84 18.50 -3.61 -2.05
CA ILE A 84 17.62 -3.93 -3.16
C ILE A 84 16.62 -5.01 -2.72
N GLU A 85 17.15 -6.11 -2.15
CA GLU A 85 16.33 -7.14 -1.56
C GLU A 85 15.33 -6.58 -0.56
N GLY A 86 14.16 -7.18 -0.54
CA GLY A 86 13.12 -6.75 0.37
C GLY A 86 12.09 -5.80 -0.26
N ARG A 87 12.54 -5.02 -1.22
CA ARG A 87 11.68 -4.04 -1.95
C ARG A 87 10.66 -4.73 -2.85
N ASP A 88 9.49 -4.10 -3.02
CA ASP A 88 8.55 -4.47 -4.05
C ASP A 88 9.34 -4.52 -5.34
N ARG A 89 9.07 -5.54 -6.18
CA ARG A 89 9.82 -5.75 -7.40
C ARG A 89 9.85 -4.53 -8.32
N THR A 90 8.74 -3.84 -8.43
CA THR A 90 8.74 -2.63 -9.35
C THR A 90 9.68 -1.56 -8.82
N MET A 91 9.60 -1.32 -7.51
CA MET A 91 10.52 -0.34 -6.87
C MET A 91 11.98 -0.77 -6.90
N ALA A 92 12.26 -2.07 -6.66
CA ALA A 92 13.59 -2.64 -6.75
C ALA A 92 14.19 -2.40 -8.12
N TRP A 93 13.44 -2.75 -9.18
CA TRP A 93 13.96 -2.51 -10.55
C TRP A 93 14.13 -1.03 -10.91
N THR A 94 13.18 -0.23 -10.50
CA THR A 94 13.31 1.25 -10.62
C THR A 94 14.64 1.72 -10.00
N VAL A 95 14.90 1.25 -8.77
CA VAL A 95 16.14 1.56 -8.10
C VAL A 95 17.36 1.01 -8.82
N VAL A 96 17.32 -0.25 -9.27
CA VAL A 96 18.40 -0.80 -10.05
C VAL A 96 18.67 -0.02 -11.38
N ASN A 97 17.63 0.29 -12.15
CA ASN A 97 17.80 1.11 -13.35
C ASN A 97 18.30 2.52 -13.13
N SER A 98 17.79 3.16 -12.09
CA SER A 98 18.26 4.47 -11.66
C SER A 98 19.77 4.55 -11.33
N ILE A 99 20.27 3.57 -10.57
CA ILE A 99 21.71 3.43 -10.37
C ILE A 99 22.48 3.12 -11.67
N CYS A 100 22.02 2.18 -12.48
CA CYS A 100 22.69 1.84 -13.74
C CYS A 100 22.79 3.01 -14.70
N ASN A 101 21.77 3.85 -14.76
CA ASN A 101 22.04 5.02 -15.57
C ASN A 101 22.66 6.25 -14.95
N THR A 102 22.77 6.27 -13.65
CA THR A 102 23.62 7.29 -13.01
C THR A 102 25.10 6.94 -13.13
N THR A 103 25.39 5.63 -13.27
CA THR A 103 26.73 5.07 -13.25
C THR A 103 27.04 4.32 -14.56
N GLY A 104 28.17 3.69 -14.67
CA GLY A 104 28.35 2.96 -15.93
C GLY A 104 27.72 1.60 -15.92
N VAL A 105 27.34 1.15 -14.72
CA VAL A 105 27.29 -0.28 -14.43
C VAL A 105 26.39 -1.07 -15.39
N GLU A 106 26.87 -2.22 -15.85
CA GLU A 106 26.04 -3.19 -16.58
C GLU A 106 24.76 -3.42 -15.76
N LYS A 107 23.62 -3.62 -16.44
CA LYS A 107 22.36 -3.91 -15.74
C LYS A 107 22.29 -5.40 -15.51
N PRO A 108 22.09 -5.81 -14.25
CA PRO A 108 21.97 -7.23 -13.93
C PRO A 108 20.79 -7.87 -14.69
N LYS A 109 20.95 -9.12 -15.11
CA LYS A 109 19.82 -9.93 -15.60
C LYS A 109 18.81 -10.36 -14.52
N PHE A 110 19.23 -10.38 -13.25
CA PHE A 110 18.34 -10.81 -12.17
C PHE A 110 18.11 -9.86 -11.03
N LEU A 111 18.90 -8.96 -10.70
CA LEU A 111 18.15 -8.35 -9.47
C LEU A 111 18.87 -8.86 -8.26
N PRO A 112 19.77 -8.01 -7.86
CA PRO A 112 20.70 -8.37 -6.84
C PRO A 112 20.11 -8.01 -5.48
N ASP A 113 20.94 -8.08 -4.47
CA ASP A 113 20.49 -7.81 -3.08
C ASP A 113 20.88 -6.43 -2.67
N LEU A 114 22.07 -6.04 -3.06
CA LEU A 114 22.61 -4.69 -2.68
C LEU A 114 23.34 -3.99 -3.84
N TYR A 115 23.52 -2.67 -3.67
CA TYR A 115 24.52 -1.93 -4.48
C TYR A 115 25.51 -1.29 -3.51
N ASP A 116 26.79 -1.40 -3.85
CA ASP A 116 27.94 -0.86 -3.14
C ASP A 116 28.40 0.43 -3.84
N TYR A 117 28.11 1.56 -3.21
CA TYR A 117 28.48 2.88 -3.77
C TYR A 117 29.99 3.13 -3.81
N LYS A 118 30.69 2.44 -2.91
CA LYS A 118 32.16 2.54 -2.75
C LYS A 118 32.88 1.87 -3.90
N GLU A 119 32.60 0.58 -4.09
CA GLU A 119 33.34 -0.20 -5.03
C GLU A 119 32.60 -0.21 -6.35
N ASN A 120 31.45 0.46 -6.34
CA ASN A 120 30.57 0.71 -7.47
C ASN A 120 30.16 -0.61 -8.24
N ARG A 121 29.45 -1.48 -7.49
CA ARG A 121 29.01 -2.79 -8.01
C ARG A 121 27.81 -3.27 -7.20
N PHE A 122 27.02 -4.13 -7.84
CA PHE A 122 25.90 -4.80 -7.21
C PHE A 122 26.52 -6.01 -6.51
N ILE A 123 25.77 -6.51 -5.52
CA ILE A 123 26.23 -7.69 -4.74
C ILE A 123 25.03 -8.62 -4.61
N GLU A 124 25.25 -9.91 -4.79
CA GLU A 124 24.32 -10.95 -4.42
C GLU A 124 24.78 -11.61 -3.11
N ILE A 125 23.86 -11.76 -2.15
CA ILE A 125 24.26 -12.34 -0.83
C ILE A 125 23.63 -13.70 -0.81
N GLY A 126 24.41 -14.68 -0.36
CA GLY A 126 23.82 -16.00 -0.16
C GLY A 126 23.96 -16.37 1.30
N VAL A 127 22.94 -17.04 1.84
CA VAL A 127 23.09 -17.76 3.13
C VAL A 127 22.71 -19.24 2.87
N THR A 128 23.63 -20.16 3.13
CA THR A 128 23.37 -21.54 2.73
C THR A 128 23.53 -22.52 3.90
N ARG A 129 22.72 -23.56 3.89
CA ARG A 129 23.01 -24.69 4.78
C ARG A 129 23.68 -25.82 4.03
N ARG A 130 23.97 -25.63 2.74
CA ARG A 130 24.82 -26.60 2.07
C ARG A 130 26.29 -26.13 2.03
N GLU A 131 27.14 -26.83 1.26
CA GLU A 131 28.58 -26.47 1.14
C GLU A 131 28.71 -25.10 0.44
N VAL A 132 29.56 -24.21 1.00
CA VAL A 132 29.59 -22.84 0.45
C VAL A 132 30.06 -22.80 -1.03
N HIS A 133 31.03 -23.64 -1.39
CA HIS A 133 31.43 -23.74 -2.80
C HIS A 133 30.31 -24.12 -3.76
N THR A 134 29.48 -25.07 -3.36
CA THR A 134 28.41 -25.52 -4.24
C THR A 134 27.52 -24.33 -4.50
N TYR A 135 27.15 -23.66 -3.40
CA TYR A 135 26.17 -22.59 -3.44
C TYR A 135 26.75 -21.40 -4.21
N TYR A 136 28.00 -21.03 -3.92
CA TYR A 136 28.70 -19.91 -4.65
C TYR A 136 28.64 -20.12 -6.18
N LEU A 137 29.04 -21.30 -6.60
CA LEU A 137 29.01 -21.55 -8.04
C LEU A 137 27.65 -21.66 -8.64
N GLU A 138 26.66 -22.19 -7.90
CA GLU A 138 25.28 -22.09 -8.37
C GLU A 138 24.90 -20.62 -8.67
N LYS A 139 25.23 -19.77 -7.72
CA LYS A 139 24.88 -18.37 -7.88
C LYS A 139 25.65 -17.76 -9.06
N ALA A 140 26.96 -18.01 -9.14
CA ALA A 140 27.76 -17.48 -10.27
C ALA A 140 27.15 -17.93 -11.60
N ASN A 141 26.77 -19.21 -11.67
CA ASN A 141 26.20 -19.74 -12.91
C ASN A 141 24.81 -19.20 -13.26
N LYS A 142 24.04 -18.78 -12.25
CA LYS A 142 22.73 -18.19 -12.55
C LYS A 142 22.90 -16.78 -13.08
N ILE A 143 23.69 -15.98 -12.40
CA ILE A 143 23.67 -14.59 -12.71
C ILE A 143 24.54 -14.24 -13.98
N LYS A 144 25.44 -15.12 -14.35
CA LYS A 144 26.38 -14.94 -15.49
C LYS A 144 26.81 -13.49 -15.68
N SER A 145 27.44 -12.91 -14.65
CA SER A 145 27.85 -11.52 -14.67
C SER A 145 29.35 -11.49 -14.35
N GLU A 146 30.08 -10.59 -14.99
CA GLU A 146 31.46 -10.39 -14.68
C GLU A 146 31.65 -9.26 -13.63
N LYS A 147 30.56 -8.57 -13.31
CA LYS A 147 30.67 -7.36 -12.53
C LYS A 147 30.04 -7.52 -11.16
N THR A 148 29.01 -8.37 -11.08
CA THR A 148 28.27 -8.51 -9.80
C THR A 148 29.08 -9.29 -8.78
N HIS A 149 29.25 -8.73 -7.58
CA HIS A 149 30.03 -9.43 -6.54
C HIS A 149 29.13 -10.44 -5.80
N ILE A 150 29.68 -11.59 -5.44
CA ILE A 150 28.90 -12.57 -4.71
C ILE A 150 29.55 -12.81 -3.38
N HIS A 151 28.74 -12.91 -2.34
CA HIS A 151 29.26 -13.18 -1.02
C HIS A 151 28.33 -14.14 -0.28
N ILE A 152 28.85 -15.32 0.06
CA ILE A 152 28.02 -16.38 0.57
C ILE A 152 28.47 -16.63 1.99
N PHE A 153 27.51 -16.76 2.88
CA PHE A 153 27.77 -17.17 4.27
C PHE A 153 27.09 -18.53 4.54
N SER A 154 27.58 -19.27 5.53
CA SER A 154 26.96 -20.56 5.87
C SER A 154 26.68 -20.53 7.35
N PHE A 155 25.82 -21.44 7.78
CA PHE A 155 25.57 -21.56 9.20
C PHE A 155 26.73 -22.19 9.98
N THR A 156 27.84 -22.51 9.32
CA THR A 156 29.01 -23.08 10.00
C THR A 156 30.07 -22.06 10.31
N GLY A 157 29.90 -20.83 9.80
CA GLY A 157 30.94 -19.79 9.97
C GLY A 157 31.82 -19.65 8.72
N GLU A 158 31.72 -20.61 7.83
CA GLU A 158 32.37 -20.53 6.53
C GLU A 158 31.77 -19.43 5.62
N GLU A 159 32.62 -18.75 4.85
CA GLU A 159 32.20 -17.72 3.89
C GLU A 159 33.01 -17.78 2.65
N MET A 160 32.45 -17.25 1.54
CA MET A 160 33.24 -17.20 0.29
C MET A 160 32.79 -16.02 -0.51
N ALA A 161 33.73 -15.30 -1.10
CA ALA A 161 33.36 -14.03 -1.70
C ALA A 161 34.22 -13.85 -2.96
N THR A 162 33.65 -13.22 -3.98
CA THR A 162 34.27 -13.10 -5.30
C THR A 162 35.68 -12.49 -5.20
N LYS A 163 36.66 -13.21 -5.76
CA LYS A 163 38.06 -12.79 -5.83
C LYS A 163 38.69 -12.65 -4.48
N ALA A 164 38.14 -13.36 -3.50
CA ALA A 164 38.59 -13.29 -2.15
C ALA A 164 38.61 -11.83 -1.70
N ASP A 165 37.67 -11.03 -2.23
CA ASP A 165 37.44 -9.64 -1.72
C ASP A 165 36.18 -9.64 -0.84
N TYR A 166 36.36 -9.50 0.46
CA TYR A 166 35.31 -9.76 1.46
C TYR A 166 34.49 -8.51 1.78
N THR A 167 34.96 -7.39 1.24
CA THR A 167 34.25 -6.08 1.27
C THR A 167 34.15 -5.48 2.64
N LEU A 168 33.52 -6.18 3.58
CA LEU A 168 33.42 -5.67 4.96
C LEU A 168 34.63 -6.09 5.80
N ASP A 169 34.89 -5.36 6.89
CA ASP A 169 35.93 -5.74 7.83
C ASP A 169 35.67 -6.99 8.69
N GLU A 170 36.72 -7.49 9.36
CA GLU A 170 36.61 -8.71 10.15
C GLU A 170 35.46 -8.77 11.15
N GLU A 171 35.32 -7.76 12.01
CA GLU A 171 34.31 -7.88 13.07
C GLU A 171 32.89 -7.72 12.51
N SER A 172 32.72 -6.95 11.43
CA SER A 172 31.44 -6.90 10.75
C SER A 172 31.00 -8.28 10.16
N ARG A 173 31.92 -8.99 9.53
CA ARG A 173 31.51 -10.36 9.06
C ARG A 173 31.33 -11.36 10.22
N ALA A 174 32.15 -11.17 11.25
CA ALA A 174 32.05 -11.93 12.51
C ALA A 174 30.65 -11.78 13.15
N ARG A 175 30.08 -10.55 13.17
CA ARG A 175 28.72 -10.31 13.68
C ARG A 175 27.65 -11.04 12.88
N ILE A 176 27.75 -10.97 11.57
CA ILE A 176 26.82 -11.79 10.76
C ILE A 176 26.97 -13.27 11.08
N LYS A 177 28.18 -13.79 11.15
CA LYS A 177 28.38 -15.24 11.41
C LYS A 177 27.82 -15.61 12.79
N THR A 178 27.94 -14.69 13.75
CA THR A 178 27.40 -14.84 15.11
C THR A 178 25.86 -14.87 15.16
N ARG A 179 25.20 -13.94 14.47
CA ARG A 179 23.77 -14.02 14.33
C ARG A 179 23.35 -15.38 13.69
N LEU A 180 24.08 -15.87 12.69
CA LEU A 180 23.71 -17.16 12.06
C LEU A 180 23.79 -18.29 13.11
N PHE A 181 24.80 -18.24 13.98
CA PHE A 181 24.91 -19.28 15.07
C PHE A 181 23.75 -19.24 16.03
N THR A 182 23.31 -18.01 16.38
CA THR A 182 22.21 -17.78 17.25
C THR A 182 20.92 -18.34 16.68
N ILE A 183 20.66 -18.08 15.40
CA ILE A 183 19.51 -18.67 14.73
C ILE A 183 19.57 -20.20 14.83
N ARG A 184 20.70 -20.75 14.46
CA ARG A 184 20.84 -22.21 14.44
C ARG A 184 20.59 -22.83 15.86
N GLN A 185 21.16 -22.21 16.90
CA GLN A 185 21.01 -22.75 18.28
C GLN A 185 19.56 -22.59 18.72
N GLU A 186 18.93 -21.48 18.34
CA GLU A 186 17.53 -21.25 18.73
C GLU A 186 16.59 -22.22 18.00
N MET A 187 16.90 -22.50 16.72
CA MET A 187 16.21 -23.57 16.01
C MET A 187 16.45 -24.95 16.70
N ALA A 188 17.72 -25.24 16.99
CA ALA A 188 18.05 -26.50 17.70
C ALA A 188 17.22 -26.68 18.99
N SER A 189 17.07 -25.61 19.78
CA SER A 189 16.32 -25.58 21.01
C SER A 189 14.88 -26.11 20.84
N ARG A 190 14.30 -25.82 19.66
CA ARG A 190 12.92 -26.13 19.34
C ARG A 190 12.80 -27.44 18.52
N GLY A 191 13.90 -28.13 18.28
CA GLY A 191 13.86 -29.35 17.45
C GLY A 191 13.72 -29.09 15.94
N LEU A 192 13.95 -27.83 15.58
CA LEU A 192 13.76 -27.40 14.20
C LEU A 192 14.99 -27.47 13.28
N TRP A 193 16.16 -27.66 13.86
CA TRP A 193 17.37 -27.44 13.05
C TRP A 193 17.57 -28.64 12.12
N ASP A 194 17.37 -29.83 12.65
CA ASP A 194 17.49 -31.03 11.82
C ASP A 194 16.82 -30.97 10.43
N SER A 195 15.51 -30.71 10.45
CA SER A 195 14.82 -30.51 9.20
C SER A 195 15.27 -29.25 8.40
N PHE A 196 15.38 -28.10 9.05
CA PHE A 196 15.89 -26.89 8.40
C PHE A 196 17.22 -27.13 7.62
N ARG A 197 18.20 -27.75 8.27
CA ARG A 197 19.55 -27.97 7.75
C ARG A 197 19.55 -28.92 6.54
N GLN A 198 18.52 -29.76 6.44
CA GLN A 198 18.43 -30.84 5.41
C GLN A 198 17.53 -30.51 4.25
N SER A 199 16.89 -29.35 4.26
CA SER A 199 15.83 -29.16 3.28
C SER A 199 16.12 -28.08 2.21
N GLU A 200 17.38 -27.65 2.10
CA GLU A 200 17.73 -26.72 0.99
C GLU A 200 17.96 -27.39 -0.36
N ARG A 201 17.21 -26.95 -1.36
CA ARG A 201 17.53 -27.49 -2.66
C ARG A 201 18.09 -26.39 -3.57
N GLY A 202 18.66 -26.82 -4.70
CA GLY A 202 19.19 -25.90 -5.72
C GLY A 202 18.05 -25.07 -6.29
N GLU A 203 18.32 -23.84 -6.67
CA GLU A 203 17.24 -22.95 -7.13
C GLU A 203 16.96 -23.09 -8.63
N LEU B 3 6.23 16.42 -36.57
CA LEU B 3 5.46 17.69 -36.58
C LEU B 3 5.53 18.25 -35.16
N GLY B 4 4.52 17.96 -34.33
CA GLY B 4 4.52 18.35 -32.93
C GLY B 4 5.06 17.30 -31.95
N SER B 5 4.64 17.47 -30.70
CA SER B 5 5.28 16.79 -29.55
C SER B 5 4.41 15.70 -28.91
N MET B 6 4.90 14.46 -28.98
CA MET B 6 4.11 13.37 -28.47
C MET B 6 4.09 13.50 -26.93
N GLU B 7 5.20 13.88 -26.30
CA GLU B 7 5.17 13.98 -24.84
C GLU B 7 4.10 15.03 -24.41
N ASP B 8 4.10 16.21 -25.07
CA ASP B 8 2.97 17.13 -24.82
C ASP B 8 1.55 16.51 -24.98
N PHE B 9 1.34 15.81 -26.08
CA PHE B 9 0.06 15.22 -26.33
C PHE B 9 -0.32 14.27 -25.20
N VAL B 10 0.61 13.40 -24.83
CA VAL B 10 0.30 12.40 -23.76
C VAL B 10 -0.11 13.09 -22.42
N ARG B 11 0.56 14.17 -22.03
CA ARG B 11 0.38 14.76 -20.72
C ARG B 11 -0.90 15.62 -20.70
N GLN B 12 -1.39 15.99 -21.88
CA GLN B 12 -2.65 16.67 -22.03
C GLN B 12 -3.84 15.72 -22.23
N CYS B 13 -3.63 14.64 -22.97
CA CYS B 13 -4.68 13.69 -23.42
C CYS B 13 -5.19 12.75 -22.34
N PHE B 14 -4.28 12.26 -21.52
CA PHE B 14 -4.57 11.26 -20.50
C PHE B 14 -4.70 11.87 -19.14
N ASN B 15 -5.56 11.26 -18.31
CA ASN B 15 -5.73 11.62 -16.89
C ASN B 15 -4.38 11.56 -16.18
N PRO B 16 -4.12 12.53 -15.29
CA PRO B 16 -2.83 12.49 -14.65
C PRO B 16 -2.50 11.18 -13.86
N MET B 17 -3.50 10.51 -13.32
CA MET B 17 -3.31 9.24 -12.60
C MET B 17 -2.76 8.20 -13.57
N ILE B 18 -3.33 8.13 -14.76
CA ILE B 18 -2.82 7.22 -15.82
C ILE B 18 -1.37 7.58 -16.25
N VAL B 19 -1.14 8.86 -16.50
CA VAL B 19 0.24 9.31 -16.85
C VAL B 19 1.22 8.93 -15.77
N GLU B 20 0.79 9.08 -14.52
CA GLU B 20 1.63 8.71 -13.41
C GLU B 20 1.99 7.25 -13.41
N LEU B 21 1.02 6.40 -13.70
CA LEU B 21 1.26 4.90 -13.69
C LEU B 21 2.13 4.49 -14.86
N ALA B 22 1.95 5.19 -15.99
CA ALA B 22 2.77 5.05 -17.16
C ALA B 22 4.23 5.41 -16.89
N GLU B 23 4.50 6.55 -16.21
CA GLU B 23 5.85 6.93 -15.85
C GLU B 23 6.48 5.82 -14.96
N LYS B 24 5.70 5.29 -14.01
CA LYS B 24 6.20 4.21 -13.13
C LYS B 24 6.58 2.97 -13.95
N ALA B 25 5.73 2.58 -14.89
CA ALA B 25 6.03 1.39 -15.76
C ALA B 25 7.34 1.60 -16.55
N MET B 26 7.54 2.82 -17.05
CA MET B 26 8.77 3.11 -17.84
C MET B 26 10.00 3.15 -16.98
N LYS B 27 9.91 3.82 -15.84
CA LYS B 27 11.07 3.87 -14.94
C LYS B 27 11.43 2.48 -14.38
N GLU B 28 10.46 1.58 -14.28
CA GLU B 28 10.73 0.16 -14.03
C GLU B 28 11.81 -0.47 -14.92
N TYR B 29 11.88 -0.03 -16.18
CA TYR B 29 12.91 -0.48 -17.13
C TYR B 29 13.97 0.55 -17.44
N GLY B 30 14.02 1.62 -16.67
CA GLY B 30 15.04 2.63 -16.93
C GLY B 30 14.72 3.46 -18.15
N GLU B 31 13.46 3.48 -18.61
CA GLU B 31 13.12 4.37 -19.77
C GLU B 31 12.56 5.69 -19.39
N ASP B 32 12.87 6.72 -20.20
CA ASP B 32 12.46 8.04 -19.85
C ASP B 32 11.25 8.39 -20.71
N PRO B 33 10.08 8.68 -20.07
CA PRO B 33 8.87 9.10 -20.79
C PRO B 33 9.09 10.25 -21.78
N LYS B 34 10.03 11.18 -21.49
CA LYS B 34 10.24 12.31 -22.43
C LYS B 34 11.08 11.90 -23.64
N ILE B 35 11.63 10.70 -23.54
CA ILE B 35 12.49 10.21 -24.60
C ILE B 35 11.71 9.19 -25.44
N GLU B 36 11.28 8.11 -24.78
CA GLU B 36 10.55 7.04 -25.49
C GLU B 36 9.07 7.40 -25.51
N THR B 37 8.74 8.43 -26.30
CA THR B 37 7.39 9.03 -26.17
C THR B 37 6.30 8.21 -26.87
N ASN B 38 6.64 7.50 -27.94
CA ASN B 38 5.68 6.54 -28.52
C ASN B 38 5.33 5.45 -27.52
N LYS B 39 6.34 4.90 -26.84
CA LYS B 39 6.05 3.88 -25.77
C LYS B 39 5.20 4.49 -24.62
N PHE B 40 5.51 5.74 -24.23
CA PHE B 40 4.77 6.47 -23.19
C PHE B 40 3.29 6.55 -23.58
N ALA B 41 3.03 6.99 -24.82
CA ALA B 41 1.66 6.99 -25.37
C ALA B 41 1.01 5.60 -25.39
N ALA B 42 1.74 4.58 -25.83
CA ALA B 42 1.10 3.23 -25.98
C ALA B 42 0.82 2.66 -24.55
N ILE B 43 1.74 2.91 -23.62
CA ILE B 43 1.49 2.52 -22.17
C ILE B 43 0.25 3.22 -21.59
N CYS B 44 0.16 4.54 -21.76
CA CYS B 44 -0.99 5.23 -21.32
C CYS B 44 -2.30 4.67 -21.91
N THR B 45 -2.28 4.41 -23.20
CA THR B 45 -3.47 3.94 -23.90
C THR B 45 -3.91 2.59 -23.31
N HIS B 46 -2.96 1.69 -23.12
CA HIS B 46 -3.32 0.39 -22.62
C HIS B 46 -3.83 0.47 -21.22
N LEU B 47 -3.25 1.38 -20.40
CA LEU B 47 -3.71 1.54 -19.04
C LEU B 47 -5.12 2.07 -19.01
N GLU B 48 -5.39 3.08 -19.84
CA GLU B 48 -6.72 3.66 -19.83
C GLU B 48 -7.72 2.64 -20.39
N VAL B 49 -7.32 1.90 -21.40
CA VAL B 49 -8.26 0.84 -21.86
C VAL B 49 -8.61 -0.18 -20.73
N CYS B 50 -7.59 -0.68 -20.01
CA CYS B 50 -7.87 -1.62 -18.90
C CYS B 50 -8.79 -1.02 -17.80
N PHE B 51 -8.58 0.23 -17.47
CA PHE B 51 -9.45 0.94 -16.53
C PHE B 51 -10.86 1.06 -17.09
N MET B 52 -11.02 1.46 -18.36
CA MET B 52 -12.32 1.50 -19.01
C MET B 52 -13.01 0.15 -19.05
N TYR B 53 -12.25 -0.92 -19.28
CA TYR B 53 -12.82 -2.24 -19.44
C TYR B 53 -13.45 -2.67 -18.12
N SER B 54 -12.85 -2.30 -17.01
CA SER B 54 -13.33 -2.80 -15.76
C SER B 54 -14.26 -1.77 -15.06
N ASP B 55 -14.41 -0.59 -15.62
CA ASP B 55 -14.91 0.51 -14.82
C ASP B 55 -16.33 0.40 -14.30
N PHE B 56 -17.35 0.22 -15.10
CA PHE B 56 -18.56 0.30 -14.23
C PHE B 56 -19.37 -0.94 -14.12
N HIS B 57 -18.66 -2.05 -13.96
CA HIS B 57 -19.23 -3.38 -14.10
C HIS B 57 -19.23 -4.11 -12.79
N PHE B 58 -20.41 -4.68 -12.46
CA PHE B 58 -20.62 -5.36 -11.16
C PHE B 58 -21.29 -6.70 -11.38
N HIS B 79 -17.84 -5.78 -7.40
CA HIS B 79 -17.12 -5.32 -8.62
C HIS B 79 -16.80 -6.54 -9.49
N ARG B 80 -17.04 -6.47 -10.81
CA ARG B 80 -16.83 -7.61 -11.68
C ARG B 80 -15.32 -7.98 -11.89
N PHE B 81 -14.48 -6.97 -11.98
CA PHE B 81 -13.08 -7.18 -12.42
C PHE B 81 -12.12 -6.79 -11.32
N GLU B 82 -11.07 -7.60 -11.15
CA GLU B 82 -9.92 -7.17 -10.35
C GLU B 82 -8.92 -6.60 -11.32
N ILE B 83 -8.46 -5.36 -11.14
CA ILE B 83 -7.44 -4.82 -12.04
C ILE B 83 -6.04 -5.24 -11.61
N ILE B 84 -5.28 -5.88 -12.49
CA ILE B 84 -3.92 -6.34 -12.21
C ILE B 84 -2.90 -5.33 -12.80
N GLU B 85 -3.15 -4.90 -14.04
CA GLU B 85 -2.28 -3.95 -14.71
C GLU B 85 -2.23 -2.65 -13.87
N GLY B 86 -1.07 -2.00 -13.85
CA GLY B 86 -0.86 -0.75 -13.15
C GLY B 86 -0.36 -0.89 -11.73
N ARG B 87 -0.51 -2.05 -11.10
CA ARG B 87 0.04 -2.15 -9.71
C ARG B 87 1.49 -2.53 -9.76
N ASP B 88 2.22 -2.32 -8.66
CA ASP B 88 3.58 -2.78 -8.54
C ASP B 88 3.48 -4.29 -8.77
N ARG B 89 4.47 -4.86 -9.37
CA ARG B 89 4.47 -6.28 -9.76
C ARG B 89 4.48 -7.19 -8.53
N THR B 90 5.04 -6.74 -7.40
CA THR B 90 4.93 -7.60 -6.17
C THR B 90 3.46 -7.75 -5.78
N MET B 91 2.75 -6.62 -5.79
CA MET B 91 1.38 -6.53 -5.44
C MET B 91 0.49 -7.26 -6.48
N ALA B 92 0.83 -7.09 -7.77
CA ALA B 92 0.11 -7.73 -8.87
C ALA B 92 0.18 -9.25 -8.71
N TRP B 93 1.40 -9.76 -8.56
CA TRP B 93 1.59 -11.25 -8.41
C TRP B 93 0.92 -11.77 -7.14
N THR B 94 0.88 -10.95 -6.10
CA THR B 94 0.23 -11.31 -4.84
C THR B 94 -1.28 -11.48 -5.04
N VAL B 95 -1.90 -10.56 -5.77
CA VAL B 95 -3.32 -10.71 -6.01
C VAL B 95 -3.63 -11.84 -6.96
N VAL B 96 -2.78 -12.06 -7.96
CA VAL B 96 -2.95 -13.17 -8.91
C VAL B 96 -2.89 -14.50 -8.11
N ASN B 97 -1.91 -14.59 -7.22
CA ASN B 97 -1.81 -15.80 -6.39
C ASN B 97 -2.96 -16.01 -5.43
N SER B 98 -3.43 -14.95 -4.78
CA SER B 98 -4.56 -14.99 -3.88
C SER B 98 -5.86 -15.47 -4.57
N ILE B 99 -6.12 -14.94 -5.79
CA ILE B 99 -7.24 -15.34 -6.54
C ILE B 99 -7.18 -16.80 -6.87
N CYS B 100 -6.05 -17.25 -7.38
CA CYS B 100 -5.85 -18.64 -7.78
C CYS B 100 -5.98 -19.62 -6.61
N ASN B 101 -5.62 -19.18 -5.39
CA ASN B 101 -5.84 -20.10 -4.22
C ASN B 101 -7.20 -20.04 -3.55
N THR B 102 -7.92 -18.93 -3.69
CA THR B 102 -9.31 -18.88 -3.25
C THR B 102 -10.18 -19.72 -4.23
N THR B 103 -10.34 -19.19 -5.42
CA THR B 103 -10.97 -19.91 -6.49
C THR B 103 -9.85 -20.89 -6.71
N GLY B 104 -10.00 -21.93 -7.50
CA GLY B 104 -8.88 -22.83 -7.72
C GLY B 104 -8.38 -22.71 -9.15
N VAL B 105 -8.49 -21.50 -9.73
CA VAL B 105 -8.05 -21.23 -11.11
C VAL B 105 -6.55 -21.43 -11.31
N GLU B 106 -6.15 -22.09 -12.40
CA GLU B 106 -4.71 -22.28 -12.70
C GLU B 106 -3.97 -20.93 -12.85
N LYS B 107 -2.69 -20.92 -12.53
CA LYS B 107 -1.90 -19.67 -12.48
C LYS B 107 -1.31 -19.31 -13.83
N PRO B 108 -1.49 -18.03 -14.25
CA PRO B 108 -0.81 -17.61 -15.48
C PRO B 108 0.73 -17.60 -15.29
N LYS B 109 1.43 -17.83 -16.40
CA LYS B 109 2.89 -17.73 -16.45
C LYS B 109 3.40 -16.30 -16.45
N PHE B 110 2.60 -15.39 -17.02
CA PHE B 110 2.97 -13.98 -17.09
C PHE B 110 1.82 -13.17 -16.52
N LEU B 111 2.12 -11.99 -15.98
CA LEU B 111 1.06 -11.23 -15.31
C LEU B 111 0.06 -10.84 -16.32
N PRO B 112 -1.26 -11.04 -16.02
CA PRO B 112 -2.34 -10.66 -16.90
C PRO B 112 -2.80 -9.28 -16.54
N ASP B 113 -3.84 -8.82 -17.16
CA ASP B 113 -4.26 -7.40 -16.97
C ASP B 113 -5.42 -7.24 -16.01
N LEU B 114 -6.34 -8.18 -16.12
CA LEU B 114 -7.58 -8.22 -15.27
C LEU B 114 -7.89 -9.63 -14.78
N TYR B 115 -8.68 -9.70 -13.68
CA TYR B 115 -9.39 -10.97 -13.35
C TYR B 115 -10.91 -10.73 -13.43
N ASP B 116 -11.61 -11.59 -14.18
CA ASP B 116 -13.06 -11.50 -14.33
C ASP B 116 -13.68 -12.41 -13.22
N TYR B 117 -14.26 -11.82 -12.21
CA TYR B 117 -14.96 -12.61 -11.18
C TYR B 117 -16.29 -13.26 -11.64
N LYS B 118 -16.82 -12.87 -12.78
CA LYS B 118 -18.07 -13.49 -13.30
C LYS B 118 -17.73 -14.75 -14.10
N GLU B 119 -16.89 -14.62 -15.11
CA GLU B 119 -16.43 -15.81 -15.93
C GLU B 119 -15.33 -16.66 -15.33
N ASN B 120 -14.83 -16.26 -14.18
CA ASN B 120 -13.70 -16.90 -13.49
C ASN B 120 -12.47 -17.20 -14.30
N ARG B 121 -11.88 -16.10 -14.80
CA ARG B 121 -10.68 -16.19 -15.61
C ARG B 121 -9.96 -14.87 -15.65
N PHE B 122 -8.66 -14.99 -15.86
CA PHE B 122 -7.79 -13.86 -16.11
C PHE B 122 -8.01 -13.35 -17.53
N ILE B 123 -7.81 -12.04 -17.70
CA ILE B 123 -7.88 -11.46 -18.99
C ILE B 123 -6.57 -10.72 -19.36
N GLU B 124 -6.11 -10.97 -20.60
CA GLU B 124 -5.09 -10.16 -21.29
C GLU B 124 -5.71 -9.13 -22.26
N ILE B 125 -5.52 -7.83 -21.97
CA ILE B 125 -5.91 -6.73 -22.86
C ILE B 125 -4.77 -6.28 -23.82
N GLY B 126 -5.04 -6.23 -25.12
CA GLY B 126 -4.03 -5.67 -26.05
C GLY B 126 -4.73 -4.55 -26.78
N VAL B 127 -3.98 -3.55 -27.18
CA VAL B 127 -4.43 -2.49 -28.03
C VAL B 127 -3.39 -2.37 -29.11
N THR B 128 -3.81 -2.41 -30.39
CA THR B 128 -2.87 -2.42 -31.47
C THR B 128 -3.11 -1.27 -32.44
N ARG B 129 -2.04 -0.76 -33.03
CA ARG B 129 -2.23 0.27 -34.04
C ARG B 129 -2.26 -0.37 -35.44
N ARG B 130 -2.08 -1.70 -35.48
CA ARG B 130 -2.19 -2.44 -36.72
C ARG B 130 -3.38 -3.43 -36.69
N GLU B 131 -3.14 -4.66 -37.10
CA GLU B 131 -4.24 -5.63 -37.32
C GLU B 131 -4.55 -6.46 -36.07
N VAL B 132 -5.82 -6.62 -35.71
CA VAL B 132 -6.21 -7.38 -34.51
C VAL B 132 -5.80 -8.87 -34.52
N HIS B 133 -5.93 -9.53 -35.67
CA HIS B 133 -5.58 -10.98 -35.81
C HIS B 133 -4.16 -11.25 -35.45
N THR B 134 -3.26 -10.50 -36.08
CA THR B 134 -1.83 -10.62 -35.79
C THR B 134 -1.45 -10.35 -34.32
N TYR B 135 -2.00 -9.27 -33.76
CA TYR B 135 -1.76 -8.94 -32.35
C TYR B 135 -2.41 -9.95 -31.36
N TYR B 136 -3.61 -10.41 -31.67
CA TYR B 136 -4.17 -11.55 -30.92
C TYR B 136 -3.15 -12.68 -30.87
N LEU B 137 -2.61 -13.04 -32.03
CA LEU B 137 -1.68 -14.14 -32.10
C LEU B 137 -0.39 -13.87 -31.33
N GLU B 138 0.14 -12.64 -31.43
CA GLU B 138 1.33 -12.27 -30.65
C GLU B 138 1.13 -12.45 -29.16
N LYS B 139 -0.06 -12.11 -28.67
CA LYS B 139 -0.30 -12.26 -27.23
C LYS B 139 -0.49 -13.71 -26.86
N ALA B 140 -1.20 -14.45 -27.71
CA ALA B 140 -1.44 -15.87 -27.45
C ALA B 140 -0.13 -16.64 -27.38
N ASN B 141 0.80 -16.24 -28.25
CA ASN B 141 2.08 -16.93 -28.35
C ASN B 141 3.00 -16.52 -27.19
N LYS B 142 2.88 -15.29 -26.69
CA LYS B 142 3.65 -14.91 -25.49
C LYS B 142 3.21 -15.67 -24.24
N ILE B 143 1.91 -15.71 -23.98
CA ILE B 143 1.38 -16.18 -22.70
C ILE B 143 1.12 -17.67 -22.67
N LYS B 144 0.99 -18.29 -23.85
CA LYS B 144 0.50 -19.67 -23.94
C LYS B 144 -0.88 -19.77 -23.27
N SER B 145 -1.51 -18.61 -23.05
CA SER B 145 -2.76 -18.51 -22.24
C SER B 145 -3.42 -19.80 -21.73
N GLU B 146 -3.84 -20.68 -22.68
CA GLU B 146 -4.66 -21.90 -22.42
C GLU B 146 -5.66 -21.91 -21.24
N LYS B 147 -6.07 -20.72 -20.80
CA LYS B 147 -7.08 -20.52 -19.76
C LYS B 147 -7.28 -18.99 -19.66
N THR B 148 -6.20 -18.25 -19.91
CA THR B 148 -6.28 -16.76 -19.88
C THR B 148 -7.07 -16.29 -21.11
N HIS B 149 -8.09 -15.46 -20.92
CA HIS B 149 -8.77 -14.87 -22.06
C HIS B 149 -7.95 -13.71 -22.68
N ILE B 150 -8.11 -13.50 -24.00
CA ILE B 150 -7.39 -12.39 -24.67
C ILE B 150 -8.43 -11.54 -25.36
N HIS B 151 -8.47 -10.23 -25.07
CA HIS B 151 -9.35 -9.32 -25.79
C HIS B 151 -8.47 -8.19 -26.41
N ILE B 152 -8.48 -8.10 -27.76
CA ILE B 152 -7.67 -7.13 -28.54
C ILE B 152 -8.56 -6.05 -29.13
N PHE B 153 -8.18 -4.78 -28.94
CA PHE B 153 -8.80 -3.61 -29.60
C PHE B 153 -7.79 -2.96 -30.56
N SER B 154 -8.23 -2.42 -31.69
CA SER B 154 -7.38 -1.62 -32.56
C SER B 154 -7.91 -0.17 -32.47
N PHE B 155 -7.13 0.78 -32.97
CA PHE B 155 -7.54 2.17 -32.95
C PHE B 155 -8.53 2.44 -34.02
N THR B 156 -8.60 1.53 -34.99
CA THR B 156 -9.53 1.63 -36.13
C THR B 156 -10.91 1.02 -35.84
N GLY B 157 -11.14 0.53 -34.63
CA GLY B 157 -12.49 0.15 -34.20
C GLY B 157 -12.82 -1.32 -34.33
N GLU B 158 -11.85 -2.13 -34.72
CA GLU B 158 -12.00 -3.56 -34.75
C GLU B 158 -11.60 -4.18 -33.41
N GLU B 159 -12.01 -5.43 -33.21
CA GLU B 159 -11.64 -6.17 -31.98
C GLU B 159 -11.57 -7.67 -32.27
N MET B 160 -10.91 -8.42 -31.39
CA MET B 160 -10.83 -9.90 -31.57
C MET B 160 -10.67 -10.41 -30.13
N ALA B 161 -11.45 -11.44 -29.74
CA ALA B 161 -11.32 -11.98 -28.38
C ALA B 161 -11.36 -13.50 -28.45
N THR B 162 -10.84 -14.11 -27.42
CA THR B 162 -10.76 -15.60 -27.36
C THR B 162 -12.14 -16.23 -27.53
N LYS B 163 -12.20 -17.19 -28.45
CA LYS B 163 -13.41 -17.95 -28.71
C LYS B 163 -14.59 -17.07 -29.14
N ALA B 164 -14.25 -15.92 -29.73
CA ALA B 164 -15.30 -14.95 -30.13
C ALA B 164 -16.26 -14.70 -28.98
N ASP B 165 -15.70 -14.76 -27.78
CA ASP B 165 -16.41 -14.44 -26.58
C ASP B 165 -15.92 -13.07 -26.12
N TYR B 166 -16.82 -12.08 -26.20
CA TYR B 166 -16.41 -10.69 -26.09
C TYR B 166 -16.53 -10.07 -24.69
N THR B 167 -16.96 -10.89 -23.72
CA THR B 167 -17.00 -10.51 -22.32
C THR B 167 -17.93 -9.34 -21.98
N LEU B 168 -17.65 -8.13 -22.47
CA LEU B 168 -18.50 -6.95 -22.17
C LEU B 168 -19.55 -6.78 -23.23
N ASP B 169 -20.63 -6.10 -22.87
CA ASP B 169 -21.71 -5.84 -23.77
C ASP B 169 -21.30 -4.87 -24.89
N GLU B 170 -22.07 -4.84 -25.96
CA GLU B 170 -21.72 -4.04 -27.13
C GLU B 170 -21.40 -2.58 -26.78
N GLU B 171 -22.26 -1.96 -25.99
CA GLU B 171 -22.11 -0.54 -25.68
C GLU B 171 -20.85 -0.20 -24.87
N SER B 172 -20.48 -1.07 -23.91
CA SER B 172 -19.23 -0.80 -23.16
C SER B 172 -18.03 -0.92 -24.11
N ARG B 173 -18.07 -1.90 -25.02
CA ARG B 173 -16.97 -2.07 -25.98
C ARG B 173 -16.92 -0.86 -26.96
N ALA B 174 -18.10 -0.34 -27.32
CA ALA B 174 -18.13 0.82 -28.21
C ALA B 174 -17.59 2.11 -27.54
N ARG B 175 -17.78 2.26 -26.24
CA ARG B 175 -17.12 3.39 -25.53
C ARG B 175 -15.58 3.34 -25.63
N ILE B 176 -14.98 2.14 -25.48
CA ILE B 176 -13.54 2.01 -25.63
C ILE B 176 -13.13 2.26 -27.06
N LYS B 177 -13.86 1.67 -28.01
CA LYS B 177 -13.54 1.90 -29.43
C LYS B 177 -13.66 3.38 -29.76
N THR B 178 -14.64 4.06 -29.19
CA THR B 178 -14.79 5.52 -29.42
C THR B 178 -13.60 6.31 -28.88
N ARG B 179 -13.15 5.97 -27.68
CA ARG B 179 -11.96 6.62 -27.07
C ARG B 179 -10.73 6.43 -27.97
N LEU B 180 -10.50 5.19 -28.45
CA LEU B 180 -9.35 4.88 -29.26
C LEU B 180 -9.41 5.64 -30.57
N PHE B 181 -10.60 5.66 -31.20
CA PHE B 181 -10.97 6.56 -32.33
C PHE B 181 -10.38 7.96 -32.16
N THR B 182 -10.78 8.56 -31.05
CA THR B 182 -10.47 9.96 -30.73
C THR B 182 -8.97 10.16 -30.54
N ILE B 183 -8.32 9.26 -29.77
CA ILE B 183 -6.87 9.33 -29.68
C ILE B 183 -6.17 9.32 -31.03
N ARG B 184 -6.55 8.40 -31.91
CA ARG B 184 -5.90 8.30 -33.18
C ARG B 184 -6.05 9.60 -34.00
N GLN B 185 -7.25 10.15 -34.00
CA GLN B 185 -7.57 11.36 -34.80
C GLN B 185 -6.77 12.55 -34.31
N GLU B 186 -6.71 12.69 -32.99
CA GLU B 186 -5.99 13.80 -32.31
C GLU B 186 -4.48 13.66 -32.56
N MET B 187 -3.91 12.43 -32.46
CA MET B 187 -2.50 12.22 -32.84
C MET B 187 -2.26 12.57 -34.32
N ALA B 188 -3.13 12.03 -35.20
CA ALA B 188 -3.02 12.27 -36.65
C ALA B 188 -3.04 13.79 -36.94
N SER B 189 -3.93 14.50 -36.27
CA SER B 189 -3.94 16.01 -36.32
C SER B 189 -2.63 16.72 -36.13
N ARG B 190 -1.80 16.20 -35.24
CA ARG B 190 -0.58 16.87 -34.85
C ARG B 190 0.61 16.26 -35.57
N GLY B 191 0.39 15.29 -36.45
CA GLY B 191 1.50 14.72 -37.20
C GLY B 191 2.11 13.54 -36.49
N LEU B 192 1.45 13.12 -35.40
CA LEU B 192 2.07 12.16 -34.53
C LEU B 192 1.67 10.70 -34.85
N TRP B 193 0.63 10.50 -35.66
CA TRP B 193 0.05 9.12 -35.73
C TRP B 193 0.99 8.25 -36.50
N ASP B 194 1.60 8.78 -37.56
CA ASP B 194 2.48 7.97 -38.41
C ASP B 194 3.63 7.26 -37.68
N SER B 195 4.36 8.00 -36.86
CA SER B 195 5.43 7.32 -36.15
C SER B 195 4.88 6.41 -35.03
N PHE B 196 3.84 6.87 -34.35
CA PHE B 196 3.18 6.05 -33.33
C PHE B 196 2.73 4.71 -33.96
N ARG B 197 2.11 4.74 -35.14
CA ARG B 197 1.75 3.47 -35.83
C ARG B 197 2.98 2.63 -36.24
N GLN B 198 4.01 3.27 -36.80
CA GLN B 198 5.13 2.54 -37.38
C GLN B 198 5.94 1.91 -36.28
N SER B 199 5.98 2.61 -35.13
CA SER B 199 6.76 2.16 -33.98
C SER B 199 6.30 0.85 -33.26
N GLU B 200 5.09 0.36 -33.56
CA GLU B 200 4.61 -0.88 -32.90
C GLU B 200 5.40 -2.12 -33.33
N ARG B 201 6.02 -2.81 -32.37
CA ARG B 201 6.70 -4.09 -32.65
C ARG B 201 5.93 -5.34 -32.12
N GLY B 202 5.63 -5.36 -30.81
CA GLY B 202 4.74 -6.38 -30.22
C GLY B 202 5.23 -7.04 -28.95
N PRO C 2 -42.57 19.14 -28.18
CA PRO C 2 -42.67 17.75 -27.64
C PRO C 2 -42.15 17.67 -26.20
N LEU C 3 -42.84 16.86 -25.41
CA LEU C 3 -42.48 16.58 -24.04
C LEU C 3 -42.45 15.08 -23.88
N GLY C 4 -41.26 14.51 -23.72
CA GLY C 4 -41.10 13.07 -23.48
C GLY C 4 -41.53 12.67 -22.05
N SER C 5 -41.52 11.36 -21.77
CA SER C 5 -41.82 10.92 -20.41
C SER C 5 -40.56 10.69 -19.58
N MET C 6 -40.72 10.85 -18.28
CA MET C 6 -39.64 10.61 -17.33
C MET C 6 -39.22 9.13 -17.40
N GLU C 7 -40.17 8.22 -17.58
CA GLU C 7 -39.77 6.81 -17.72
C GLU C 7 -38.87 6.53 -18.92
N ASP C 8 -39.24 7.04 -20.11
CA ASP C 8 -38.41 6.88 -21.28
C ASP C 8 -37.05 7.49 -21.05
N PHE C 9 -36.98 8.67 -20.39
CA PHE C 9 -35.70 9.33 -20.08
C PHE C 9 -34.79 8.43 -19.22
N VAL C 10 -35.40 7.89 -18.15
CA VAL C 10 -34.71 7.02 -17.18
C VAL C 10 -34.14 5.79 -17.90
N ARG C 11 -34.97 5.11 -18.71
CA ARG C 11 -34.48 3.93 -19.37
C ARG C 11 -33.42 4.26 -20.40
N GLN C 12 -33.45 5.49 -20.96
CA GLN C 12 -32.37 5.92 -21.89
C GLN C 12 -31.12 6.43 -21.18
N CYS C 13 -31.29 7.11 -20.05
CA CYS C 13 -30.20 7.77 -19.32
C CYS C 13 -29.36 6.86 -18.42
N PHE C 14 -29.93 5.79 -17.88
CA PHE C 14 -29.21 4.97 -16.94
C PHE C 14 -28.92 3.61 -17.57
N ASN C 15 -27.79 3.06 -17.14
CA ASN C 15 -27.36 1.71 -17.55
C ASN C 15 -28.41 0.64 -17.18
N PRO C 16 -28.57 -0.38 -18.02
CA PRO C 16 -29.71 -1.24 -17.64
C PRO C 16 -29.56 -2.01 -16.26
N MET C 17 -28.34 -2.17 -15.73
CA MET C 17 -28.20 -2.75 -14.36
C MET C 17 -28.78 -1.81 -13.29
N ILE C 18 -28.44 -0.53 -13.39
CA ILE C 18 -28.99 0.49 -12.50
C ILE C 18 -30.51 0.44 -12.59
N VAL C 19 -31.04 0.38 -13.83
CA VAL C 19 -32.47 0.47 -14.02
C VAL C 19 -33.09 -0.76 -13.38
N GLU C 20 -32.51 -1.92 -13.63
CA GLU C 20 -33.05 -3.10 -12.99
C GLU C 20 -32.95 -3.08 -11.46
N LEU C 21 -31.85 -2.61 -10.91
CA LEU C 21 -31.85 -2.48 -9.42
C LEU C 21 -32.84 -1.46 -8.92
N ALA C 22 -33.01 -0.36 -9.66
CA ALA C 22 -34.04 0.63 -9.29
C ALA C 22 -35.43 -0.03 -9.30
N GLU C 23 -35.73 -0.80 -10.33
CA GLU C 23 -37.01 -1.54 -10.45
C GLU C 23 -37.24 -2.48 -9.25
N LYS C 24 -36.20 -3.23 -8.95
CA LYS C 24 -36.21 -4.16 -7.82
C LYS C 24 -36.46 -3.44 -6.52
N ALA C 25 -35.83 -2.28 -6.28
CA ALA C 25 -35.98 -1.52 -5.05
C ALA C 25 -37.37 -0.92 -4.87
N MET C 26 -37.96 -0.58 -6.00
CA MET C 26 -39.31 -0.05 -5.99
C MET C 26 -40.31 -1.19 -5.73
N LYS C 27 -40.05 -2.36 -6.35
CA LYS C 27 -40.95 -3.51 -6.22
C LYS C 27 -40.98 -3.97 -4.77
N GLU C 28 -39.86 -3.89 -4.07
CA GLU C 28 -39.88 -4.32 -2.68
C GLU C 28 -40.64 -3.39 -1.73
N TYR C 29 -40.98 -2.18 -2.20
CA TYR C 29 -42.07 -1.37 -1.58
C TYR C 29 -43.44 -1.52 -2.32
N GLY C 30 -43.49 -2.43 -3.31
CA GLY C 30 -44.66 -2.56 -4.17
C GLY C 30 -44.99 -1.37 -5.05
N GLU C 31 -44.12 -0.37 -5.11
CA GLU C 31 -44.26 0.79 -6.07
C GLU C 31 -43.89 0.41 -7.53
N ASP C 32 -44.49 1.08 -8.51
CA ASP C 32 -44.33 0.73 -9.93
C ASP C 32 -43.57 1.89 -10.55
N PRO C 33 -42.45 1.58 -11.22
CA PRO C 33 -41.71 2.60 -11.93
C PRO C 33 -42.61 3.48 -12.86
N LYS C 34 -43.60 2.90 -13.59
CA LYS C 34 -44.42 3.69 -14.57
C LYS C 34 -45.34 4.66 -13.93
N ILE C 35 -45.64 4.46 -12.66
CA ILE C 35 -46.54 5.35 -11.99
C ILE C 35 -45.74 6.38 -11.22
N GLU C 36 -44.78 5.90 -10.43
CA GLU C 36 -44.03 6.73 -9.52
C GLU C 36 -42.72 7.21 -10.18
N THR C 37 -42.87 7.94 -11.26
CA THR C 37 -41.77 8.09 -12.20
C THR C 37 -40.61 9.00 -11.76
N ASN C 38 -40.91 10.07 -11.04
CA ASN C 38 -39.80 10.90 -10.52
C ASN C 38 -39.04 10.14 -9.44
N LYS C 39 -39.74 9.33 -8.67
CA LYS C 39 -39.10 8.54 -7.66
C LYS C 39 -38.20 7.52 -8.32
N PHE C 40 -38.63 7.01 -9.48
CA PHE C 40 -37.87 6.02 -10.25
C PHE C 40 -36.57 6.65 -10.69
N ALA C 41 -36.65 7.88 -11.23
CA ALA C 41 -35.44 8.63 -11.61
C ALA C 41 -34.51 8.93 -10.43
N ALA C 42 -35.09 9.31 -9.31
CA ALA C 42 -34.29 9.63 -8.10
C ALA C 42 -33.56 8.39 -7.55
N ILE C 43 -34.25 7.27 -7.58
CA ILE C 43 -33.64 5.98 -7.19
C ILE C 43 -32.51 5.52 -8.09
N CYS C 44 -32.68 5.62 -9.41
CA CYS C 44 -31.53 5.33 -10.30
C CYS C 44 -30.36 6.27 -10.02
N THR C 45 -30.65 7.55 -9.82
CA THR C 45 -29.57 8.53 -9.52
C THR C 45 -28.82 8.15 -8.25
N HIS C 46 -29.56 7.82 -7.21
CA HIS C 46 -28.95 7.51 -5.95
C HIS C 46 -28.12 6.23 -6.06
N LEU C 47 -28.67 5.23 -6.76
CA LEU C 47 -27.92 4.01 -7.01
C LEU C 47 -26.63 4.26 -7.76
N GLU C 48 -26.70 5.13 -8.77
CA GLU C 48 -25.51 5.40 -9.55
C GLU C 48 -24.42 6.04 -8.70
N VAL C 49 -24.79 7.08 -7.94
CA VAL C 49 -23.85 7.72 -7.03
C VAL C 49 -23.23 6.68 -6.05
N CYS C 50 -24.06 5.78 -5.52
CA CYS C 50 -23.51 4.84 -4.53
C CYS C 50 -22.45 4.02 -5.22
N PHE C 51 -22.74 3.58 -6.44
CA PHE C 51 -21.81 2.76 -7.20
C PHE C 51 -20.54 3.56 -7.58
N MET C 52 -20.69 4.85 -7.84
CA MET C 52 -19.50 5.64 -8.18
C MET C 52 -18.64 5.85 -6.93
N TYR C 53 -19.30 5.99 -5.79
CA TYR C 53 -18.69 6.30 -4.53
C TYR C 53 -17.84 5.09 -4.15
N SER C 54 -18.25 3.87 -4.46
CA SER C 54 -17.35 2.72 -4.23
C SER C 54 -16.12 2.82 -5.09
N HIS C 79 -11.95 -4.74 -0.90
CA HIS C 79 -12.02 -3.33 -1.39
C HIS C 79 -12.40 -2.38 -0.28
N ARG C 80 -12.15 -1.08 -0.49
CA ARG C 80 -12.44 -0.13 0.56
C ARG C 80 -13.93 -0.08 0.99
N PHE C 81 -14.86 -0.05 0.03
CA PHE C 81 -16.30 0.14 0.34
C PHE C 81 -17.08 -1.14 0.14
N GLU C 82 -17.86 -1.53 1.14
CA GLU C 82 -18.78 -2.63 0.99
C GLU C 82 -20.05 -1.98 0.49
N ILE C 83 -20.57 -2.46 -0.64
CA ILE C 83 -21.80 -1.88 -1.17
C ILE C 83 -23.04 -2.55 -0.53
N ILE C 84 -23.89 -1.75 0.07
CA ILE C 84 -25.02 -2.31 0.82
C ILE C 84 -26.28 -1.96 0.05
N GLU C 85 -26.42 -0.70 -0.38
CA GLU C 85 -27.51 -0.35 -1.31
C GLU C 85 -27.59 -1.29 -2.55
N GLY C 86 -28.82 -1.61 -2.96
CA GLY C 86 -29.04 -2.40 -4.17
C GLY C 86 -28.76 -3.87 -3.95
N ARG C 87 -28.47 -4.25 -2.73
CA ARG C 87 -28.40 -5.69 -2.45
C ARG C 87 -29.79 -6.15 -2.03
N ASP C 88 -29.99 -7.44 -2.21
CA ASP C 88 -31.05 -8.15 -1.54
C ASP C 88 -31.07 -7.75 -0.04
N ARG C 89 -32.24 -7.28 0.45
CA ARG C 89 -32.42 -6.85 1.87
C ARG C 89 -31.82 -7.86 2.87
N THR C 90 -31.99 -9.14 2.57
CA THR C 90 -31.52 -10.20 3.44
C THR C 90 -30.02 -10.26 3.48
N MET C 91 -29.37 -10.28 2.30
CA MET C 91 -27.91 -10.26 2.26
C MET C 91 -27.40 -8.93 2.81
N ALA C 92 -28.03 -7.84 2.42
CA ALA C 92 -27.67 -6.54 2.97
C ALA C 92 -27.54 -6.57 4.52
N TRP C 93 -28.59 -7.03 5.20
CA TRP C 93 -28.57 -7.15 6.66
C TRP C 93 -27.52 -8.15 7.15
N THR C 94 -27.35 -9.24 6.42
CA THR C 94 -26.32 -10.20 6.84
C THR C 94 -24.90 -9.58 6.75
N VAL C 95 -24.64 -8.86 5.66
CA VAL C 95 -23.38 -8.14 5.58
C VAL C 95 -23.22 -7.08 6.70
N VAL C 96 -24.26 -6.28 6.98
CA VAL C 96 -24.27 -5.28 8.07
C VAL C 96 -24.06 -5.88 9.48
N ASN C 97 -24.86 -6.88 9.83
CA ASN C 97 -24.64 -7.59 11.12
C ASN C 97 -23.23 -8.18 11.26
N SER C 98 -22.70 -8.80 10.21
CA SER C 98 -21.32 -9.36 10.23
C SER C 98 -20.19 -8.32 10.52
N ILE C 99 -20.21 -7.20 9.80
CA ILE C 99 -19.54 -5.99 10.29
C ILE C 99 -20.08 -5.92 11.70
N CYS C 100 -20.25 -4.74 12.28
CA CYS C 100 -20.98 -4.58 13.52
C CYS C 100 -20.50 -5.44 14.69
N ASN C 101 -20.47 -6.74 14.48
CA ASN C 101 -20.00 -7.55 15.59
C ASN C 101 -18.56 -8.02 15.40
N THR C 102 -17.99 -7.82 14.20
CA THR C 102 -16.55 -8.06 13.93
C THR C 102 -15.65 -6.83 14.08
N THR C 103 -16.26 -5.63 14.03
CA THR C 103 -15.62 -4.35 14.30
C THR C 103 -16.49 -3.87 15.48
N GLY C 104 -16.13 -2.84 16.22
CA GLY C 104 -17.07 -2.41 17.29
C GLY C 104 -18.50 -1.89 16.95
N VAL C 105 -18.67 -1.46 15.68
CA VAL C 105 -19.66 -0.42 15.28
C VAL C 105 -21.13 -0.73 15.56
N GLU C 106 -21.86 0.24 16.14
CA GLU C 106 -23.30 0.02 16.45
C GLU C 106 -24.18 -0.19 15.20
N LYS C 107 -25.23 -0.99 15.41
CA LYS C 107 -26.15 -1.45 14.37
C LYS C 107 -26.99 -0.29 13.88
N PRO C 108 -26.88 0.04 12.60
CA PRO C 108 -27.83 1.00 12.05
C PRO C 108 -29.31 0.53 12.27
N LYS C 109 -30.22 1.49 12.44
CA LYS C 109 -31.64 1.24 12.51
C LYS C 109 -32.25 0.87 11.15
N PHE C 110 -31.71 1.47 10.09
CA PHE C 110 -32.13 1.17 8.73
C PHE C 110 -30.88 0.84 7.95
N LEU C 111 -31.02 0.04 6.90
CA LEU C 111 -29.89 -0.33 6.08
C LEU C 111 -29.22 0.95 5.56
N PRO C 112 -27.92 1.05 5.74
CA PRO C 112 -27.20 2.20 5.19
C PRO C 112 -26.82 1.95 3.73
N ASP C 113 -26.09 2.89 3.12
CA ASP C 113 -25.68 2.65 1.73
C ASP C 113 -24.35 1.94 1.53
N LEU C 114 -23.34 2.31 2.31
CA LEU C 114 -22.05 1.64 2.23
C LEU C 114 -21.44 1.39 3.58
N TYR C 115 -20.42 0.57 3.61
CA TYR C 115 -19.48 0.57 4.74
C TYR C 115 -18.04 0.86 4.23
N ASP C 116 -17.40 1.84 4.86
CA ASP C 116 -16.01 2.25 4.61
C ASP C 116 -15.07 1.50 5.62
N TYR C 117 -14.36 0.47 5.14
CA TYR C 117 -13.42 -0.33 5.93
C TYR C 117 -12.23 0.46 6.38
N LYS C 118 -11.98 1.58 5.71
CA LYS C 118 -10.87 2.38 6.11
C LYS C 118 -11.19 3.31 7.23
N GLU C 119 -12.26 4.09 7.13
CA GLU C 119 -12.66 4.97 8.18
C GLU C 119 -13.53 4.22 9.23
N ASN C 120 -13.78 2.92 9.00
CA ASN C 120 -14.64 2.10 9.86
C ASN C 120 -15.94 2.72 10.27
N ARG C 121 -16.75 3.07 9.28
CA ARG C 121 -18.09 3.49 9.59
C ARG C 121 -18.94 3.29 8.36
N PHE C 122 -20.25 3.22 8.64
CA PHE C 122 -21.31 3.16 7.64
C PHE C 122 -21.54 4.54 7.11
N ILE C 123 -22.08 4.57 5.92
CA ILE C 123 -22.39 5.82 5.20
C ILE C 123 -23.78 5.70 4.62
N GLU C 124 -24.49 6.80 4.76
CA GLU C 124 -25.73 7.07 4.13
C GLU C 124 -25.46 8.13 3.05
N ILE C 125 -25.75 7.77 1.82
CA ILE C 125 -25.60 8.76 0.68
C ILE C 125 -26.94 9.33 0.35
N GLY C 126 -27.02 10.65 0.22
CA GLY C 126 -28.23 11.24 -0.35
C GLY C 126 -27.95 12.10 -1.57
N VAL C 127 -28.90 12.14 -2.50
CA VAL C 127 -28.86 13.04 -3.65
C VAL C 127 -30.19 13.86 -3.62
N THR C 128 -30.08 15.17 -3.55
CA THR C 128 -31.26 15.99 -3.47
C THR C 128 -31.33 16.97 -4.63
N ARG C 129 -32.57 17.25 -5.07
CA ARG C 129 -32.81 18.39 -5.97
C ARG C 129 -32.91 19.71 -5.19
N ARG C 130 -33.08 19.65 -3.88
CA ARG C 130 -33.28 20.86 -3.10
C ARG C 130 -31.94 21.25 -2.44
N GLU C 131 -32.00 21.88 -1.28
CA GLU C 131 -30.83 22.35 -0.58
C GLU C 131 -30.22 21.22 0.21
N VAL C 132 -28.88 21.08 0.12
CA VAL C 132 -28.17 20.00 0.83
C VAL C 132 -28.27 20.04 2.36
N HIS C 133 -28.33 21.24 2.93
CA HIS C 133 -28.49 21.38 4.35
C HIS C 133 -29.82 20.77 4.79
N THR C 134 -30.89 21.10 4.07
CA THR C 134 -32.21 20.54 4.40
C THR C 134 -32.18 19.03 4.29
N TYR C 135 -31.70 18.52 3.16
CA TYR C 135 -31.72 17.06 2.95
C TYR C 135 -30.86 16.33 3.98
N TYR C 136 -29.67 16.87 4.26
CA TYR C 136 -28.83 16.34 5.35
C TYR C 136 -29.62 16.11 6.63
N LEU C 137 -30.30 17.18 7.08
CA LEU C 137 -31.14 17.18 8.30
C LEU C 137 -32.31 16.14 8.25
N GLU C 138 -32.90 15.98 7.08
CA GLU C 138 -33.94 14.95 6.92
C GLU C 138 -33.37 13.58 7.17
N LYS C 139 -32.24 13.26 6.54
CA LYS C 139 -31.56 11.96 6.71
C LYS C 139 -31.09 11.73 8.14
N ALA C 140 -30.53 12.76 8.77
CA ALA C 140 -30.08 12.65 10.16
C ALA C 140 -31.25 12.32 11.11
N ASN C 141 -32.38 12.94 10.83
CA ASN C 141 -33.59 12.76 11.64
C ASN C 141 -34.24 11.40 11.39
N LYS C 142 -34.05 10.82 10.21
CA LYS C 142 -34.55 9.47 10.00
C LYS C 142 -33.69 8.43 10.72
N ILE C 143 -32.36 8.50 10.58
CA ILE C 143 -31.47 7.41 11.05
C ILE C 143 -31.05 7.49 12.52
N LYS C 144 -31.22 8.67 13.11
CA LYS C 144 -30.98 8.92 14.55
C LYS C 144 -29.77 8.13 15.00
N SER C 145 -28.65 8.84 14.97
CA SER C 145 -27.49 8.40 14.26
C SER C 145 -26.21 9.07 14.70
N GLU C 146 -25.47 8.60 15.70
CA GLU C 146 -24.22 9.32 16.04
C GLU C 146 -23.00 8.85 15.31
N LYS C 147 -23.04 7.64 14.77
CA LYS C 147 -21.88 7.04 14.17
C LYS C 147 -21.96 6.98 12.64
N THR C 148 -23.16 6.79 12.11
CA THR C 148 -23.24 6.61 10.64
C THR C 148 -22.98 7.92 9.96
N HIS C 149 -22.03 7.90 9.01
CA HIS C 149 -21.64 9.10 8.30
C HIS C 149 -22.65 9.47 7.22
N ILE C 150 -22.95 10.77 7.08
CA ILE C 150 -23.87 11.21 6.06
C ILE C 150 -23.16 12.06 5.01
N HIS C 151 -23.43 11.77 3.74
CA HIS C 151 -22.85 12.52 2.65
C HIS C 151 -23.91 12.80 1.64
N ILE C 152 -24.26 14.08 1.51
CA ILE C 152 -25.29 14.57 0.57
C ILE C 152 -24.62 15.29 -0.60
N PHE C 153 -25.05 14.91 -1.80
CA PHE C 153 -24.78 15.67 -3.04
C PHE C 153 -26.04 16.32 -3.61
N SER C 154 -25.85 17.38 -4.40
CA SER C 154 -26.98 18.04 -5.10
C SER C 154 -26.75 17.97 -6.61
N PHE C 155 -27.70 18.43 -7.44
CA PHE C 155 -27.51 18.38 -8.91
C PHE C 155 -26.81 19.65 -9.40
N THR C 156 -26.44 20.51 -8.45
CA THR C 156 -25.91 21.83 -8.69
C THR C 156 -24.51 21.96 -8.14
N GLY C 157 -23.86 20.82 -7.84
CA GLY C 157 -22.48 20.79 -7.38
C GLY C 157 -22.26 20.92 -5.87
N GLU C 158 -23.35 21.13 -5.14
CA GLU C 158 -23.27 21.43 -3.69
C GLU C 158 -23.14 20.08 -2.97
N GLU C 159 -22.39 20.04 -1.89
CA GLU C 159 -22.40 18.83 -1.02
C GLU C 159 -22.42 19.16 0.46
N MET C 160 -22.84 18.21 1.29
CA MET C 160 -22.72 18.43 2.74
C MET C 160 -22.43 17.08 3.36
N ALA C 161 -21.52 17.05 4.31
CA ALA C 161 -21.11 15.78 4.89
C ALA C 161 -20.96 15.90 6.40
N THR C 162 -21.17 14.79 7.07
CA THR C 162 -20.97 14.76 8.51
C THR C 162 -19.58 15.30 8.95
N LYS C 163 -19.62 16.24 9.90
CA LYS C 163 -18.41 16.81 10.52
C LYS C 163 -17.46 17.45 9.48
N ALA C 164 -17.99 17.85 8.34
CA ALA C 164 -17.14 18.37 7.25
C ALA C 164 -16.00 17.42 6.91
N ASP C 165 -16.29 16.11 6.95
CA ASP C 165 -15.40 15.07 6.57
C ASP C 165 -16.02 14.37 5.33
N TYR C 166 -15.30 14.48 4.21
CA TYR C 166 -15.93 14.27 2.91
C TYR C 166 -15.53 12.90 2.36
N THR C 167 -14.74 12.19 3.15
CA THR C 167 -14.29 10.83 2.85
C THR C 167 -13.40 10.60 1.62
N LEU C 168 -13.90 11.00 0.44
CA LEU C 168 -13.29 10.74 -0.83
C LEU C 168 -12.44 11.96 -1.22
N ASP C 169 -11.41 11.73 -2.01
CA ASP C 169 -10.71 12.88 -2.61
C ASP C 169 -11.58 13.70 -3.57
N GLU C 170 -11.08 14.90 -3.88
CA GLU C 170 -11.82 15.86 -4.67
C GLU C 170 -12.01 15.38 -6.05
N GLU C 171 -11.11 14.58 -6.56
CA GLU C 171 -11.22 14.23 -7.99
C GLU C 171 -12.38 13.23 -8.09
N SER C 172 -12.44 12.31 -7.15
CA SER C 172 -13.50 11.31 -7.16
C SER C 172 -14.91 11.94 -6.96
N ARG C 173 -15.03 12.95 -6.08
CA ARG C 173 -16.25 13.71 -5.89
C ARG C 173 -16.63 14.56 -7.11
N ALA C 174 -15.65 15.18 -7.76
CA ALA C 174 -15.93 15.97 -8.97
C ALA C 174 -16.58 15.07 -10.08
N ARG C 175 -16.16 13.82 -10.15
CA ARG C 175 -16.69 12.86 -11.12
C ARG C 175 -18.19 12.54 -10.85
N ILE C 176 -18.52 12.39 -9.55
CA ILE C 176 -19.93 12.28 -9.10
C ILE C 176 -20.72 13.59 -9.38
N LYS C 177 -20.16 14.73 -8.97
CA LYS C 177 -20.85 15.99 -9.22
C LYS C 177 -21.09 16.25 -10.73
N THR C 178 -20.17 15.80 -11.58
CA THR C 178 -20.30 16.07 -13.02
C THR C 178 -21.29 15.08 -13.67
N ARG C 179 -21.43 13.93 -13.07
CA ARG C 179 -22.45 13.01 -13.55
C ARG C 179 -23.82 13.60 -13.24
N LEU C 180 -23.97 14.17 -12.02
CA LEU C 180 -25.25 14.71 -11.56
C LEU C 180 -25.58 15.97 -12.38
N PHE C 181 -24.50 16.75 -12.68
CA PHE C 181 -24.65 17.89 -13.60
C PHE C 181 -25.22 17.47 -14.93
N THR C 182 -24.68 16.40 -15.48
CA THR C 182 -25.03 15.95 -16.81
C THR C 182 -26.49 15.45 -16.81
N ILE C 183 -26.86 14.67 -15.78
CA ILE C 183 -28.26 14.19 -15.69
C ILE C 183 -29.19 15.36 -15.67
N ARG C 184 -28.84 16.34 -14.86
CA ARG C 184 -29.70 17.51 -14.75
C ARG C 184 -29.86 18.34 -16.08
N GLN C 185 -28.76 18.55 -16.81
CA GLN C 185 -28.80 19.24 -18.09
C GLN C 185 -29.56 18.40 -19.11
N GLU C 186 -29.38 17.09 -19.09
CA GLU C 186 -30.16 16.30 -20.03
C GLU C 186 -31.66 16.42 -19.75
N MET C 187 -32.05 16.43 -18.47
CA MET C 187 -33.47 16.54 -18.15
C MET C 187 -33.97 17.95 -18.53
N ALA C 188 -33.13 18.97 -18.25
CA ALA C 188 -33.44 20.38 -18.60
C ALA C 188 -33.63 20.55 -20.13
N SER C 189 -32.79 19.87 -20.91
CA SER C 189 -32.89 19.92 -22.36
C SER C 189 -34.22 19.28 -22.84
N ARG C 190 -34.79 18.42 -22.00
CA ARG C 190 -36.01 17.68 -22.36
C ARG C 190 -37.25 18.25 -21.73
N GLY C 191 -37.11 19.32 -20.94
CA GLY C 191 -38.28 19.90 -20.29
C GLY C 191 -38.80 19.15 -19.09
N LEU C 192 -37.99 18.19 -18.62
CA LEU C 192 -38.31 17.32 -17.49
C LEU C 192 -37.84 17.83 -16.15
N TRP C 193 -36.76 18.64 -16.16
CA TRP C 193 -36.09 19.03 -14.92
C TRP C 193 -37.05 19.72 -13.98
N ASP C 194 -37.85 20.65 -14.53
CA ASP C 194 -38.79 21.41 -13.70
C ASP C 194 -39.65 20.55 -12.75
N SER C 195 -40.37 19.59 -13.32
CA SER C 195 -41.28 18.76 -12.56
C SER C 195 -40.54 17.81 -11.63
N PHE C 196 -39.46 17.21 -12.14
CA PHE C 196 -38.55 16.39 -11.31
C PHE C 196 -38.08 17.15 -10.07
N ARG C 197 -37.59 18.36 -10.28
CA ARG C 197 -37.14 19.16 -9.15
C ARG C 197 -38.31 19.37 -8.17
N GLN C 198 -39.41 19.91 -8.67
CA GLN C 198 -40.63 20.21 -7.88
C GLN C 198 -41.22 19.01 -7.10
N SER C 199 -41.02 17.78 -7.59
CA SER C 199 -41.56 16.59 -6.91
C SER C 199 -40.86 16.09 -5.63
N GLU C 200 -39.69 16.61 -5.29
CA GLU C 200 -38.98 16.06 -4.12
C GLU C 200 -39.70 16.36 -2.78
N ARG C 201 -39.94 15.32 -1.99
CA ARG C 201 -40.69 15.47 -0.73
C ARG C 201 -39.74 15.64 0.44
N GLY C 202 -40.32 15.80 1.63
CA GLY C 202 -39.56 15.99 2.87
C GLY C 202 -39.62 14.78 3.80
N PRO D 2 27.96 -5.40 47.33
CA PRO D 2 28.39 -5.32 45.92
C PRO D 2 27.54 -4.33 45.13
N LEU D 3 28.19 -3.32 44.56
CA LEU D 3 27.43 -2.21 44.03
C LEU D 3 27.98 -1.86 42.67
N GLY D 4 27.25 -2.28 41.64
CA GLY D 4 27.61 -2.01 40.24
C GLY D 4 27.44 -0.52 39.85
N SER D 5 28.06 -0.16 38.73
CA SER D 5 27.90 1.19 38.24
C SER D 5 26.72 1.26 37.29
N MET D 6 26.19 2.48 37.16
CA MET D 6 25.13 2.76 36.20
C MET D 6 25.53 2.37 34.81
N GLU D 7 26.76 2.76 34.41
CA GLU D 7 27.19 2.48 33.08
C GLU D 7 27.16 0.99 32.77
N ASP D 8 27.64 0.18 33.71
CA ASP D 8 27.61 -1.27 33.55
C ASP D 8 26.16 -1.83 33.48
N PHE D 9 25.28 -1.21 34.27
CA PHE D 9 23.88 -1.58 34.22
C PHE D 9 23.26 -1.36 32.83
N VAL D 10 23.42 -0.16 32.25
CA VAL D 10 22.91 0.12 30.89
C VAL D 10 23.38 -0.92 29.83
N ARG D 11 24.69 -1.15 29.80
CA ARG D 11 25.30 -2.17 28.96
C ARG D 11 24.70 -3.57 29.08
N GLN D 12 24.31 -3.93 30.28
CA GLN D 12 23.70 -5.23 30.45
C GLN D 12 22.15 -5.16 30.27
N CYS D 13 21.54 -4.00 30.54
CA CYS D 13 20.07 -3.87 30.62
C CYS D 13 19.39 -3.84 29.27
N PHE D 14 20.07 -3.22 28.30
CA PHE D 14 19.52 -2.95 26.99
C PHE D 14 20.21 -3.78 25.92
N ASN D 15 19.46 -4.07 24.88
CA ASN D 15 19.96 -4.75 23.70
C ASN D 15 21.17 -3.97 23.10
N PRO D 16 22.23 -4.71 22.65
CA PRO D 16 23.43 -4.08 22.07
C PRO D 16 23.16 -3.01 21.03
N MET D 17 22.19 -3.27 20.15
CA MET D 17 21.84 -2.31 19.08
C MET D 17 21.29 -1.01 19.66
N ILE D 18 20.52 -1.12 20.74
CA ILE D 18 20.03 0.10 21.38
C ILE D 18 21.19 0.82 22.01
N VAL D 19 22.10 0.07 22.68
CA VAL D 19 23.22 0.65 23.34
C VAL D 19 24.08 1.38 22.28
N GLU D 20 24.21 0.76 21.12
CA GLU D 20 25.01 1.32 20.03
C GLU D 20 24.44 2.63 19.51
N LEU D 21 23.11 2.70 19.35
CA LEU D 21 22.52 3.92 18.84
C LEU D 21 22.60 4.98 19.86
N ALA D 22 22.57 4.59 21.15
CA ALA D 22 22.64 5.58 22.23
C ALA D 22 24.03 6.23 22.28
N GLU D 23 25.06 5.40 22.13
CA GLU D 23 26.46 5.87 22.18
C GLU D 23 26.67 6.82 21.01
N LYS D 24 26.31 6.37 19.81
CA LYS D 24 26.27 7.18 18.56
C LYS D 24 25.58 8.52 18.72
N ALA D 25 24.40 8.51 19.33
CA ALA D 25 23.65 9.72 19.59
C ALA D 25 24.38 10.62 20.56
N MET D 26 25.02 10.01 21.55
CA MET D 26 25.80 10.82 22.52
C MET D 26 27.10 11.36 21.89
N LYS D 27 27.84 10.51 21.20
CA LYS D 27 29.05 10.87 20.42
C LYS D 27 28.77 11.94 19.36
N GLU D 28 27.64 11.81 18.63
CA GLU D 28 27.19 12.91 17.74
C GLU D 28 27.17 14.24 18.50
N TYR D 29 27.01 14.19 19.82
CA TYR D 29 27.01 15.44 20.61
C TYR D 29 28.36 15.57 21.34
N GLY D 30 29.24 14.59 21.19
CA GLY D 30 30.51 14.59 21.94
C GLY D 30 30.40 14.43 23.47
N GLU D 31 29.26 13.91 23.92
CA GLU D 31 29.04 13.45 25.30
C GLU D 31 29.59 12.07 25.39
N ASP D 32 30.06 11.73 26.57
CA ASP D 32 30.65 10.42 26.79
C ASP D 32 29.71 9.55 27.65
N PRO D 33 29.31 8.35 27.15
CA PRO D 33 28.46 7.43 27.92
C PRO D 33 29.09 7.09 29.29
N LYS D 34 30.42 7.14 29.34
CA LYS D 34 31.24 6.77 30.52
C LYS D 34 31.19 7.86 31.58
N ILE D 35 30.82 9.05 31.17
CA ILE D 35 30.71 10.15 32.10
C ILE D 35 29.28 10.58 32.38
N GLU D 36 28.46 10.71 31.35
CA GLU D 36 27.13 11.22 31.55
C GLU D 36 26.22 10.00 31.54
N THR D 37 26.22 9.31 32.67
CA THR D 37 25.81 7.93 32.70
C THR D 37 24.31 7.85 32.95
N ASN D 38 23.75 8.86 33.62
CA ASN D 38 22.30 9.04 33.72
C ASN D 38 21.70 9.39 32.32
N LYS D 39 22.37 10.26 31.60
CA LYS D 39 21.89 10.58 30.25
C LYS D 39 22.01 9.31 29.40
N PHE D 40 23.08 8.55 29.59
CA PHE D 40 23.25 7.32 28.81
C PHE D 40 22.03 6.44 29.02
N ALA D 41 21.68 6.26 30.29
CA ALA D 41 20.51 5.48 30.65
C ALA D 41 19.22 6.00 30.06
N ALA D 42 18.99 7.31 30.19
CA ALA D 42 17.80 7.91 29.61
C ALA D 42 17.62 7.72 28.09
N ILE D 43 18.71 7.88 27.31
CA ILE D 43 18.65 7.76 25.85
C ILE D 43 18.37 6.34 25.43
N CYS D 44 19.01 5.37 26.10
CA CYS D 44 18.72 3.96 25.80
C CYS D 44 17.22 3.72 26.05
N THR D 45 16.72 4.22 27.19
CA THR D 45 15.29 3.96 27.54
C THR D 45 14.37 4.60 26.45
N HIS D 46 14.69 5.84 26.14
CA HIS D 46 13.87 6.58 25.17
C HIS D 46 13.96 5.90 23.79
N LEU D 47 15.16 5.57 23.35
CA LEU D 47 15.29 4.79 22.11
C LEU D 47 14.42 3.57 22.15
N GLU D 48 14.57 2.79 23.19
CA GLU D 48 13.75 1.58 23.27
C GLU D 48 12.24 1.82 23.12
N VAL D 49 11.73 2.84 23.77
CA VAL D 49 10.34 3.11 23.75
C VAL D 49 9.93 3.53 22.34
N CYS D 50 10.71 4.41 21.69
CA CYS D 50 10.43 4.80 20.30
C CYS D 50 10.33 3.54 19.40
N PHE D 51 11.30 2.63 19.54
CA PHE D 51 11.21 1.37 18.75
C PHE D 51 9.95 0.55 19.05
N MET D 52 9.60 0.43 20.33
CA MET D 52 8.36 -0.27 20.65
C MET D 52 7.14 0.43 20.14
N TYR D 53 7.14 1.75 20.24
CA TYR D 53 5.97 2.53 19.89
C TYR D 53 5.66 2.26 18.41
N SER D 54 6.72 2.09 17.61
CA SER D 54 6.55 1.76 16.19
C SER D 54 6.45 0.26 15.80
N ARG D 80 2.94 1.86 9.59
CA ARG D 80 2.21 3.06 9.98
C ARG D 80 3.17 4.14 10.52
N PHE D 81 4.28 3.73 11.14
CA PHE D 81 5.19 4.70 11.77
C PHE D 81 6.54 4.79 11.08
N GLU D 82 7.00 6.01 10.82
CA GLU D 82 8.40 6.20 10.49
C GLU D 82 9.17 6.54 11.74
N ILE D 83 10.27 5.83 11.98
CA ILE D 83 11.13 6.17 13.11
C ILE D 83 12.18 7.17 12.65
N ILE D 84 12.30 8.26 13.43
CA ILE D 84 13.14 9.39 13.10
C ILE D 84 14.24 9.51 14.18
N GLU D 85 13.85 9.23 15.43
CA GLU D 85 14.81 9.10 16.52
C GLU D 85 15.74 7.90 16.25
N GLY D 86 16.98 8.03 16.66
CA GLY D 86 17.92 6.95 16.37
C GLY D 86 18.77 7.22 15.12
N ARG D 87 18.42 8.22 14.32
CA ARG D 87 19.16 8.44 13.06
C ARG D 87 20.16 9.53 13.33
N ASP D 88 21.29 9.55 12.60
CA ASP D 88 22.14 10.72 12.61
C ASP D 88 21.30 11.93 12.18
N ARG D 89 21.71 13.13 12.59
CA ARG D 89 21.01 14.37 12.25
C ARG D 89 20.75 14.45 10.75
N THR D 90 21.78 14.19 9.92
CA THR D 90 21.59 14.24 8.48
C THR D 90 20.48 13.31 8.00
N MET D 91 20.52 12.06 8.45
CA MET D 91 19.54 11.08 8.03
C MET D 91 18.13 11.43 8.56
N ALA D 92 18.06 11.85 9.82
CA ALA D 92 16.81 12.25 10.50
C ALA D 92 16.14 13.45 9.76
N TRP D 93 16.91 14.48 9.43
CA TRP D 93 16.35 15.56 8.57
C TRP D 93 15.98 15.14 7.18
N THR D 94 16.73 14.23 6.55
CA THR D 94 16.32 13.80 5.23
C THR D 94 15.00 13.00 5.22
N VAL D 95 14.75 12.18 6.25
CA VAL D 95 13.45 11.53 6.40
C VAL D 95 12.34 12.58 6.67
N VAL D 96 12.56 13.53 7.56
CA VAL D 96 11.60 14.53 7.82
C VAL D 96 11.28 15.28 6.53
N ASN D 97 12.30 15.71 5.83
CA ASN D 97 12.10 16.48 4.59
C ASN D 97 11.31 15.67 3.55
N SER D 98 11.60 14.39 3.40
CA SER D 98 10.86 13.65 2.40
C SER D 98 9.39 13.47 2.79
N ILE D 99 9.12 13.23 4.08
CA ILE D 99 7.73 13.16 4.58
C ILE D 99 7.03 14.47 4.27
N CYS D 100 7.71 15.58 4.54
CA CYS D 100 7.05 16.89 4.39
C CYS D 100 6.73 17.15 2.90
N ASN D 101 7.62 16.80 2.02
CA ASN D 101 7.27 17.10 0.61
C ASN D 101 6.26 16.15 -0.01
N THR D 102 6.23 14.93 0.50
CA THR D 102 5.31 13.93 -0.03
C THR D 102 3.90 14.12 0.56
N THR D 103 3.84 14.19 1.89
CA THR D 103 2.54 14.33 2.53
C THR D 103 2.14 15.77 2.61
N GLY D 104 3.10 16.68 2.45
CA GLY D 104 2.71 18.10 2.52
C GLY D 104 2.81 18.66 3.90
N VAL D 105 2.87 17.79 4.92
CA VAL D 105 2.68 18.32 6.27
C VAL D 105 3.79 19.36 6.61
N GLU D 106 3.48 20.28 7.50
CA GLU D 106 4.36 21.35 7.97
C GLU D 106 5.63 20.79 8.53
N LYS D 107 6.77 21.36 8.15
CA LYS D 107 8.03 20.87 8.67
C LYS D 107 8.19 21.38 10.06
N PRO D 108 8.53 20.48 11.03
CA PRO D 108 8.73 20.89 12.45
C PRO D 108 10.04 21.66 12.64
N LYS D 109 10.08 22.52 13.64
CA LYS D 109 11.27 23.30 13.98
C LYS D 109 12.32 22.40 14.60
N PHE D 110 11.87 21.43 15.40
CA PHE D 110 12.75 20.49 16.09
C PHE D 110 12.52 19.06 15.58
N LEU D 111 13.58 18.29 15.41
CA LEU D 111 13.46 16.87 15.06
C LEU D 111 12.51 16.15 16.06
N PRO D 112 11.43 15.56 15.56
CA PRO D 112 10.42 14.78 16.34
C PRO D 112 10.93 13.31 16.39
N ASP D 113 10.17 12.39 17.00
CA ASP D 113 10.66 11.05 17.19
C ASP D 113 10.14 10.09 16.17
N LEU D 114 8.87 10.28 15.83
CA LEU D 114 8.17 9.44 14.83
C LEU D 114 7.31 10.26 13.94
N TYR D 115 6.94 9.66 12.82
CA TYR D 115 5.80 10.22 12.05
C TYR D 115 4.67 9.17 11.96
N ASP D 116 3.43 9.57 12.17
CA ASP D 116 2.29 8.60 12.13
C ASP D 116 1.56 8.81 10.78
N TYR D 117 1.66 7.86 9.85
CA TYR D 117 1.03 7.98 8.52
C TYR D 117 -0.47 7.78 8.53
N LYS D 118 -0.98 7.14 9.57
CA LYS D 118 -2.42 6.99 9.71
C LYS D 118 -3.05 8.33 10.14
N GLU D 119 -2.58 8.90 11.23
CA GLU D 119 -3.09 10.20 11.71
C GLU D 119 -2.51 11.37 10.99
N ASN D 120 -1.49 11.09 10.18
CA ASN D 120 -0.67 12.09 9.45
C ASN D 120 -0.12 13.24 10.32
N ARG D 121 0.73 12.88 11.28
CA ARG D 121 1.25 13.88 12.25
C ARG D 121 2.55 13.37 12.80
N PHE D 122 3.47 14.30 13.12
CA PHE D 122 4.66 13.91 13.80
C PHE D 122 4.34 13.64 15.27
N ILE D 123 5.20 12.83 15.88
CA ILE D 123 5.09 12.52 17.32
C ILE D 123 6.38 12.77 18.08
N GLU D 124 6.25 13.44 19.23
CA GLU D 124 7.34 13.52 20.22
C GLU D 124 7.06 12.52 21.36
N ILE D 125 7.99 11.62 21.65
CA ILE D 125 7.85 10.64 22.75
C ILE D 125 8.67 11.18 23.91
N GLY D 126 8.10 11.25 25.12
CA GLY D 126 8.91 11.52 26.30
C GLY D 126 8.86 10.32 27.27
N VAL D 127 10.00 10.08 27.91
CA VAL D 127 10.07 9.16 29.03
C VAL D 127 10.60 9.96 30.23
N THR D 128 9.85 9.94 31.34
CA THR D 128 10.22 10.71 32.53
C THR D 128 10.27 9.87 33.81
N ARG D 129 11.18 10.26 34.69
CA ARG D 129 11.20 9.73 36.02
C ARG D 129 10.53 10.71 36.99
N ARG D 130 9.96 11.75 36.43
CA ARG D 130 9.16 12.73 37.19
C ARG D 130 7.66 12.47 36.95
N GLU D 131 6.81 13.45 37.21
CA GLU D 131 5.38 13.25 36.95
C GLU D 131 5.14 13.47 35.48
N VAL D 132 4.28 12.67 34.87
CA VAL D 132 4.09 12.75 33.43
C VAL D 132 3.56 14.07 32.98
N HIS D 133 2.60 14.65 33.71
CA HIS D 133 2.04 15.94 33.26
C HIS D 133 3.15 17.03 33.25
N THR D 134 4.05 17.01 34.22
CA THR D 134 5.15 18.02 34.22
C THR D 134 6.03 17.96 32.95
N TYR D 135 6.40 16.76 32.58
CA TYR D 135 7.19 16.54 31.38
C TYR D 135 6.39 16.80 30.09
N TYR D 136 5.12 16.44 30.08
CA TYR D 136 4.24 16.74 28.96
C TYR D 136 4.22 18.27 28.77
N LEU D 137 4.03 18.98 29.86
CA LEU D 137 3.91 20.46 29.71
C LEU D 137 5.21 21.13 29.23
N GLU D 138 6.33 20.69 29.82
CA GLU D 138 7.70 21.09 29.39
C GLU D 138 7.84 20.96 27.89
N LYS D 139 7.51 19.77 27.35
CA LYS D 139 7.55 19.49 25.93
C LYS D 139 6.62 20.40 25.12
N ALA D 140 5.35 20.48 25.53
CA ALA D 140 4.39 21.32 24.86
C ALA D 140 4.84 22.80 24.84
N ASN D 141 5.56 23.22 25.88
CA ASN D 141 6.23 24.53 25.96
C ASN D 141 7.32 24.71 24.90
N LYS D 142 8.25 23.76 24.87
CA LYS D 142 9.47 23.83 24.08
C LYS D 142 9.11 23.65 22.64
N ILE D 143 8.71 22.43 22.28
CA ILE D 143 8.52 22.18 20.87
C ILE D 143 7.56 23.23 20.32
N LYS D 144 6.94 23.99 21.24
CA LYS D 144 5.89 24.98 20.91
C LYS D 144 5.05 24.37 19.81
N SER D 145 4.65 23.14 20.13
CA SER D 145 3.87 22.25 19.27
C SER D 145 2.68 22.93 18.66
N GLU D 146 1.94 22.11 17.93
CA GLU D 146 0.72 22.52 17.30
C GLU D 146 0.11 21.21 16.89
N LYS D 147 0.81 20.65 15.92
CA LYS D 147 0.37 19.52 15.20
C LYS D 147 1.49 18.47 15.43
N THR D 148 2.46 18.74 16.31
CA THR D 148 3.31 17.62 16.84
C THR D 148 2.69 17.03 18.13
N HIS D 149 2.12 15.82 17.98
CA HIS D 149 1.43 15.10 19.06
C HIS D 149 2.46 14.64 20.07
N ILE D 150 2.12 14.66 21.34
CA ILE D 150 3.09 14.30 22.35
C ILE D 150 2.57 13.10 23.13
N HIS D 151 3.46 12.17 23.47
CA HIS D 151 3.05 11.05 24.29
C HIS D 151 4.19 10.75 25.26
N ILE D 152 3.88 10.84 26.57
CA ILE D 152 4.81 10.81 27.61
C ILE D 152 4.48 9.53 28.40
N PHE D 153 5.53 8.82 28.75
CA PHE D 153 5.48 7.65 29.64
C PHE D 153 6.33 7.87 30.90
N SER D 154 5.89 7.32 32.04
CA SER D 154 6.76 7.28 33.22
C SER D 154 7.29 5.90 33.50
N PHE D 155 8.23 5.81 34.42
CA PHE D 155 8.74 4.51 34.87
C PHE D 155 7.81 3.87 35.87
N THR D 156 6.87 4.67 36.39
CA THR D 156 5.75 4.15 37.20
C THR D 156 4.57 3.54 36.42
N GLY D 157 4.59 3.50 35.11
CA GLY D 157 3.49 2.95 34.36
C GLY D 157 2.42 3.96 33.97
N GLU D 158 2.62 5.23 34.31
CA GLU D 158 1.65 6.26 33.93
C GLU D 158 1.96 6.83 32.54
N GLU D 159 0.97 7.47 31.94
CA GLU D 159 1.21 8.09 30.64
C GLU D 159 0.42 9.35 30.52
N MET D 160 0.81 10.19 29.57
CA MET D 160 -0.06 11.26 29.12
C MET D 160 0.19 11.63 27.68
N ALA D 161 -0.89 11.81 26.95
CA ALA D 161 -0.81 12.14 25.51
C ALA D 161 -1.65 13.37 25.22
N THR D 162 -1.21 14.13 24.23
CA THR D 162 -2.02 15.24 23.72
C THR D 162 -3.49 14.91 23.55
N LYS D 163 -4.31 15.76 24.13
CA LYS D 163 -5.80 15.65 24.02
C LYS D 163 -6.34 14.31 24.46
N ALA D 164 -5.61 13.62 25.33
CA ALA D 164 -5.99 12.24 25.69
C ALA D 164 -6.26 11.36 24.47
N ASP D 165 -5.52 11.63 23.40
CA ASP D 165 -5.61 10.80 22.19
C ASP D 165 -4.36 9.95 22.25
N TYR D 166 -4.51 8.67 22.60
CA TYR D 166 -3.33 7.78 22.84
C TYR D 166 -2.62 7.10 21.69
N THR D 167 -3.20 7.20 20.50
CA THR D 167 -2.62 6.73 19.27
C THR D 167 -2.53 5.20 19.19
N LEU D 168 -1.87 4.58 20.16
CA LEU D 168 -1.71 3.13 20.14
C LEU D 168 -2.80 2.45 20.92
N ASP D 169 -3.08 1.18 20.65
CA ASP D 169 -4.08 0.48 21.42
C ASP D 169 -3.49 0.05 22.79
N GLU D 170 -4.37 -0.38 23.68
CA GLU D 170 -3.99 -0.60 25.06
C GLU D 170 -3.01 -1.75 25.20
N GLU D 171 -3.08 -2.74 24.30
CA GLU D 171 -2.12 -3.84 24.33
C GLU D 171 -0.69 -3.35 24.01
N SER D 172 -0.54 -2.43 23.04
CA SER D 172 0.79 -1.93 22.74
C SER D 172 1.33 -0.99 23.81
N ARG D 173 0.49 -0.13 24.34
CA ARG D 173 0.90 0.68 25.46
C ARG D 173 1.22 -0.13 26.74
N ALA D 174 0.46 -1.17 27.02
CA ALA D 174 0.86 -2.03 28.17
C ALA D 174 2.30 -2.63 28.02
N ARG D 175 2.67 -3.06 26.81
CA ARG D 175 3.99 -3.62 26.57
C ARG D 175 5.08 -2.57 26.87
N ILE D 176 4.84 -1.34 26.45
CA ILE D 176 5.75 -0.26 26.80
C ILE D 176 5.83 0.05 28.33
N LYS D 177 4.67 0.20 29.00
CA LYS D 177 4.63 0.55 30.41
C LYS D 177 5.31 -0.57 31.23
N THR D 178 5.19 -1.82 30.78
CA THR D 178 5.70 -3.02 31.50
C THR D 178 7.23 -3.10 31.31
N ARG D 179 7.71 -2.81 30.11
CA ARG D 179 9.16 -2.65 29.90
C ARG D 179 9.75 -1.55 30.86
N LEU D 180 9.10 -0.38 30.95
CA LEU D 180 9.63 0.72 31.74
C LEU D 180 9.57 0.35 33.27
N PHE D 181 8.47 -0.24 33.68
CA PHE D 181 8.37 -0.73 35.04
C PHE D 181 9.55 -1.67 35.40
N THR D 182 9.88 -2.57 34.49
CA THR D 182 10.95 -3.50 34.69
C THR D 182 12.34 -2.83 34.75
N ILE D 183 12.55 -1.81 33.91
CA ILE D 183 13.80 -1.11 33.93
C ILE D 183 13.94 -0.46 35.29
N ARG D 184 12.86 0.14 35.78
CA ARG D 184 12.81 0.79 37.09
C ARG D 184 13.14 -0.26 38.16
N GLN D 185 12.49 -1.41 38.07
CA GLN D 185 12.74 -2.56 38.96
C GLN D 185 14.22 -2.99 39.05
N GLU D 186 14.89 -3.15 37.92
CA GLU D 186 16.29 -3.60 37.92
C GLU D 186 17.26 -2.55 38.43
N MET D 187 17.00 -1.28 38.11
CA MET D 187 17.72 -0.16 38.73
C MET D 187 17.57 -0.13 40.27
N ALA D 188 16.33 -0.17 40.78
CA ALA D 188 16.10 0.00 42.23
C ALA D 188 16.70 -1.16 43.04
N SER D 189 16.68 -2.36 42.46
CA SER D 189 17.25 -3.52 43.14
C SER D 189 18.78 -3.43 43.26
N ARG D 190 19.41 -2.73 42.32
CA ARG D 190 20.86 -2.51 42.30
C ARG D 190 21.24 -1.17 42.93
N GLY D 191 20.27 -0.44 43.48
CA GLY D 191 20.50 0.83 44.24
C GLY D 191 20.69 2.03 43.32
N LEU D 192 20.35 1.82 42.06
CA LEU D 192 20.56 2.83 41.03
C LEU D 192 19.41 3.80 40.86
N TRP D 193 18.20 3.43 41.30
CA TRP D 193 16.97 4.13 40.88
C TRP D 193 16.88 5.53 41.49
N ASP D 194 17.15 5.64 42.80
CA ASP D 194 16.87 6.90 43.49
C ASP D 194 17.61 8.10 42.91
N SER D 195 18.88 7.92 42.55
CA SER D 195 19.64 9.01 41.96
C SER D 195 19.36 9.25 40.45
N PHE D 196 19.04 8.16 39.74
CA PHE D 196 18.58 8.29 38.35
C PHE D 196 17.34 9.20 38.33
N ARG D 197 16.37 8.86 39.16
CA ARG D 197 15.20 9.72 39.38
C ARG D 197 15.63 11.18 39.68
N GLN D 198 16.36 11.39 40.78
CA GLN D 198 16.81 12.72 41.20
C GLN D 198 17.51 13.57 40.12
N SER D 199 18.22 12.90 39.22
CA SER D 199 19.05 13.58 38.24
C SER D 199 18.28 14.22 37.07
N GLU D 200 17.03 13.82 36.84
CA GLU D 200 16.35 14.30 35.65
C GLU D 200 16.38 15.85 35.46
N ARG D 201 16.44 16.61 36.54
CA ARG D 201 16.77 18.07 36.46
C ARG D 201 16.03 18.79 35.30
N GLY D 202 16.79 19.47 34.42
CA GLY D 202 16.22 20.15 33.23
C GLY D 202 16.54 21.63 33.12
MG MG E . 17.95 -11.13 -3.74
P TMP F . 18.60 -14.45 -3.33
O1P TMP F . 18.53 -14.98 -4.71
O2P TMP F . 19.58 -15.15 -2.43
O3P TMP F . 18.68 -12.99 -3.32
O5' TMP F . 17.17 -14.74 -2.67
C5' TMP F . 17.12 -15.07 -1.31
C4' TMP F . 16.70 -16.53 -1.27
O4' TMP F . 15.58 -16.54 -0.45
C3' TMP F . 16.18 -17.02 -2.62
O3' TMP F . 15.95 -18.43 -2.59
C2' TMP F . 14.83 -16.35 -2.69
C1' TMP F . 14.46 -16.26 -1.24
N1 TMP F . 14.19 -14.91 -0.84
C2 TMP F . 13.17 -14.17 -1.42
O2 TMP F . 12.52 -14.71 -2.32
N3 TMP F . 12.93 -12.93 -1.01
C4 TMP F . 13.63 -12.34 -0.04
O4 TMP F . 13.34 -11.19 0.28
C5 TMP F . 14.72 -13.13 0.61
C5M TMP F . 15.59 -12.69 1.71
C6 TMP F . 14.95 -14.42 0.15
MG MG G . -0.43 -6.23 -18.66
P TMP H . 13.18 -14.52 -12.58
O1P TMP H . 14.14 -15.20 -13.48
O2P TMP H . 13.66 -14.10 -11.21
O3P TMP H . 12.65 -13.39 -13.36
O5' TMP H . 11.93 -15.53 -12.43
C5' TMP H . 10.95 -15.01 -13.63
C4' TMP H . 9.68 -14.98 -13.17
O4' TMP H . 8.54 -14.06 -13.08
C3' TMP H . 9.16 -16.25 -13.93
O3' TMP H . 9.80 -17.51 -13.71
C2' TMP H . 7.69 -16.24 -13.66
C1' TMP H . 7.58 -15.07 -12.56
N1 TMP H . 6.50 -15.16 -11.78
C2 TMP H . 5.60 -16.22 -11.92
O2 TMP H . 5.63 -16.99 -12.88
N3 TMP H . 4.78 -16.53 -10.95
C4 TMP H . 4.71 -15.74 -9.90
O4 TMP H . 3.93 -16.06 -9.02
C5 TMP H . 5.54 -14.52 -9.84
C5M TMP H . 5.46 -13.63 -8.65
C6 TMP H . 6.39 -14.23 -10.87
MG MG I . -29.92 3.09 1.01
MG MG J . 13.54 12.94 19.60
P TMP K . 13.57 13.79 23.11
O1P TMP K . 12.62 13.33 24.17
O2P TMP K . 13.21 13.34 21.75
O3P TMP K . 13.79 15.23 23.15
O5' TMP K . 14.94 13.15 23.56
C5' TMP K . 14.87 11.87 24.09
C4' TMP K . 16.26 11.40 24.37
O4' TMP K . 16.83 11.18 23.12
C3' TMP K . 17.06 12.55 24.90
O3' TMP K . 17.03 12.42 26.31
C2' TMP K . 18.42 12.53 24.17
C1' TMP K . 18.24 11.41 23.15
N1 TMP K . 18.79 11.18 21.78
C2 TMP K . 19.48 11.95 20.75
O2 TMP K . 19.85 13.15 20.83
N3 TMP K . 19.80 11.41 19.56
C4 TMP K . 19.50 10.12 19.25
O4 TMP K . 19.80 9.58 18.15
C5 TMP K . 18.81 9.35 20.28
C5M TMP K . 18.47 7.93 20.00
C6 TMP K . 18.48 9.92 21.46
#